data_5EAN
#
_entry.id   5EAN
#
_cell.length_a   87.153
_cell.length_b   118.488
_cell.length_c   149.260
_cell.angle_alpha   90.000
_cell.angle_beta   90.000
_cell.angle_gamma   90.000
#
_symmetry.space_group_name_H-M   'P 2 21 21'
#
loop_
_entity.id
_entity.type
_entity.pdbx_description
1 polymer 'DNA replication ATP-dependent helicase/nuclease DNA2'
2 polymer "DNA (5'-D(P*AP*CP*TP*CP*TP*GP*CP*CP*AP*AP*GP*AP*GP*GP*A)-3')"
3 non-polymer 'IRON/SULFUR CLUSTER'
4 non-polymer 'CALCIUM ION'
5 non-polymer "ADENOSINE-5'-DIPHOSPHATE"
6 water water
#
loop_
_entity_poly.entity_id
_entity_poly.type
_entity_poly.pdbx_seq_one_letter_code
_entity_poly.pdbx_strand_id
1 'polypeptide(L)'
;GGHMEPLDELDLLLLEEDGGAEAVPRVELLRKKADALFPETVLSRGVDNRYLVLAVETSQNERGAEEKRLHVTASQDREH
EVLCILRNGWSSVPVEPGDIVHLEGDCTSEPWIIDDDFGYFILYPDMMISGTSVASSIRCLRRAVLSETFRGSDPATRQM
LIGTILHEVFQKAISESFAPERLQELALQTLREVRHLKEMYRLNLSQDEILCEVEEYLPSFSKWAEDFMRKGPSSEFPQM
QLSLPSDGSNRSSPCNIEVVKSLDIEESIWSPRFGLKGKIDVTVGVKIHRDCKMKYKVMPLELKTGKESNSIEHRSQVVL
YTLLSQERREDPEAGWLLYLKTGQMYPVPANHLDKRELLKLRNWLAASLLHRVSRAAPGEEARLSALPQIIEEEKTCKYC
SQIGNCALYSRAVEEQGDDASIPEAMLSKIQEETRHLQLAHLKYFSLWCLMLTLESQSKDNRKTHQSIWLTPASELEESG
NCVGNLVRTEPVSRVCDGQYLHNFQRKNGPMPATNLMAGDRIILSGEERKLFALSKGYVKKMNKAAVTCLLDRNLSTLPA
TTVFRLDREERHGDISTPLGNLSKLMESTDPSKRLRELIIDFREPQFIAYLSSVLPHDAKDTVANILKGLNKPQRQAMKR
VLLSKDYTLIVGMPGTGKTTTICALVRILSACGFSVLLTSYTHSAVDNILLKLAKFKVGFLRLGQSHKVHPDIQKFTEEE
ICRSRSIASLAHLEELYNSHPIVATTCMGINHPIFSRKTFDFCIVDEASQISQPVCLGPLFFSRRFVLVGDHQQLPPLVV
NREARALGMSESLFKRLERNESAVVQLTVQYRMNRKIMSLSNKLTYAGKLECGSDRVANAVLALPNLKDARLSLQLYADY
SDSPWLAGVLEPDNPVCFLNTDKVPAPEQVENGGVSNVTEARLIVFLTSTFIKAGCSPSDIGVIAPYRQQLRIISDLLAR
SSVGMVEVNTVDKYQGRDKSLILVSFVRSNEDGTLGELLKDWRRLNVALTRAKHKLILLGSVSSLKRFPPLGTLFDHLNA
EQLILDLPSREHESLSHIL
;
A
2 'polydeoxyribonucleotide' (DA)(DC)(DT)(DC)(DT)(DG)(DC)(DC)(DA)(DA)(DG)(DA)(DG)(DG)(DA) B
#
# COMPACT_ATOMS: atom_id res chain seq x y z
N GLY A 1 24.22 13.33 -29.02
CA GLY A 1 23.12 12.74 -29.83
C GLY A 1 23.59 12.11 -31.13
N GLY A 2 23.64 12.92 -32.19
CA GLY A 2 24.07 12.48 -33.52
C GLY A 2 25.55 12.17 -33.59
N HIS A 3 25.89 11.11 -34.32
CA HIS A 3 27.29 10.70 -34.55
C HIS A 3 27.79 11.19 -35.91
N MET A 4 28.79 12.07 -35.84
CA MET A 4 29.27 12.90 -36.94
C MET A 4 30.30 12.26 -37.86
N GLU A 5 30.23 12.56 -39.15
CA GLU A 5 31.21 12.05 -40.13
C GLU A 5 31.99 13.09 -40.95
N PRO A 6 31.31 14.11 -41.52
CA PRO A 6 32.15 15.17 -42.06
C PRO A 6 32.31 16.35 -41.10
N LEU A 7 33.02 17.36 -41.58
CA LEU A 7 33.28 18.60 -40.89
C LEU A 7 32.01 19.44 -40.74
N ASP A 8 31.04 19.20 -41.63
CA ASP A 8 29.76 19.89 -41.64
C ASP A 8 28.95 19.52 -40.42
N GLU A 9 28.94 18.23 -40.09
CA GLU A 9 28.35 17.72 -38.87
C GLU A 9 28.82 18.42 -37.60
N LEU A 10 30.15 18.59 -37.47
CA LEU A 10 30.75 19.27 -36.32
C LEU A 10 30.24 20.70 -36.21
N ASP A 11 30.24 21.42 -37.33
CA ASP A 11 29.73 22.79 -37.40
C ASP A 11 28.27 22.89 -36.98
N LEU A 12 27.43 22.02 -37.54
CA LEU A 12 25.99 22.10 -37.32
C LEU A 12 25.52 21.52 -35.99
N LEU A 13 26.34 20.68 -35.37
CA LEU A 13 25.98 20.10 -34.07
C LEU A 13 26.23 21.02 -32.86
N LEU A 14 26.88 22.16 -33.11
CA LEU A 14 27.02 23.19 -32.08
C LEU A 14 25.65 23.76 -31.71
N LEU A 15 25.31 23.70 -30.42
CA LEU A 15 24.06 24.23 -29.89
C LEU A 15 24.24 25.64 -29.28
N GLU A 16 23.13 26.32 -29.00
CA GLU A 16 23.09 27.70 -28.43
C GLU A 16 23.77 28.75 -29.32
N ALA A 23 18.39 25.71 -26.53
CA ALA A 23 18.21 27.07 -26.00
C ALA A 23 17.64 27.05 -24.55
N VAL A 24 16.47 27.66 -24.35
CA VAL A 24 15.78 27.72 -23.02
C VAL A 24 14.84 26.52 -22.72
N PRO A 25 14.29 25.82 -23.77
CA PRO A 25 13.62 24.51 -23.58
C PRO A 25 14.27 23.48 -22.63
N ARG A 26 15.52 23.70 -22.21
CA ARG A 26 16.15 22.88 -21.16
C ARG A 26 15.44 23.04 -19.80
N VAL A 27 14.75 24.17 -19.61
CA VAL A 27 13.88 24.43 -18.44
C VAL A 27 12.70 23.40 -18.36
N GLU A 28 12.13 23.08 -19.52
CA GLU A 28 10.99 22.15 -19.64
C GLU A 28 11.41 20.70 -19.41
N LEU A 29 12.59 20.36 -19.95
CA LEU A 29 13.28 19.07 -19.74
C LEU A 29 13.48 18.74 -18.25
N LEU A 30 13.62 19.79 -17.44
CA LEU A 30 13.82 19.68 -16.00
C LEU A 30 12.51 19.82 -15.21
N ARG A 31 11.61 20.68 -15.70
CA ARG A 31 10.25 20.80 -15.13
C ARG A 31 9.49 19.48 -15.25
N LYS A 32 9.62 18.81 -16.40
CA LYS A 32 9.09 17.45 -16.60
C LYS A 32 9.78 16.42 -15.68
N LYS A 33 11.10 16.55 -15.52
CA LYS A 33 11.93 15.69 -14.67
C LYS A 33 11.50 15.78 -13.20
N ALA A 34 11.38 17.01 -12.69
CA ALA A 34 10.88 17.31 -11.35
C ALA A 34 9.48 16.74 -11.12
N ASP A 35 8.62 16.93 -12.13
CA ASP A 35 7.26 16.43 -12.12
C ASP A 35 7.22 14.90 -12.01
N ALA A 36 8.08 14.21 -12.77
CA ALA A 36 8.14 12.73 -12.78
C ALA A 36 8.25 12.13 -11.36
N LEU A 37 8.98 12.83 -10.48
CA LEU A 37 9.20 12.36 -9.09
C LEU A 37 8.52 13.17 -7.97
N PHE A 38 8.28 14.46 -8.18
CA PHE A 38 7.43 15.27 -7.28
C PHE A 38 6.33 15.99 -8.05
N PRO A 39 5.26 15.25 -8.42
CA PRO A 39 4.24 15.84 -9.30
C PRO A 39 3.45 16.96 -8.63
N GLU A 40 3.17 18.00 -9.41
CA GLU A 40 2.26 19.09 -9.06
C GLU A 40 2.73 19.90 -7.84
N THR A 41 4.04 19.96 -7.67
CA THR A 41 4.70 20.74 -6.62
C THR A 41 4.60 22.22 -6.98
N VAL A 42 3.81 22.98 -6.23
CA VAL A 42 3.74 24.44 -6.45
C VAL A 42 4.96 25.08 -5.82
N LEU A 43 5.78 25.70 -6.66
CA LEU A 43 6.92 26.49 -6.20
C LEU A 43 6.42 27.78 -5.57
N SER A 44 7.03 28.18 -4.45
CA SER A 44 6.75 29.48 -3.82
C SER A 44 7.90 29.98 -2.95
N ARG A 45 7.74 31.20 -2.44
CA ARG A 45 8.69 31.84 -1.56
C ARG A 45 8.23 31.66 -0.11
N GLY A 46 9.06 32.11 0.83
CA GLY A 46 8.64 32.18 2.23
C GLY A 46 8.97 30.95 3.04
N VAL A 47 8.26 30.80 4.16
CA VAL A 47 8.56 29.78 5.19
C VAL A 47 8.61 28.34 4.66
N ASP A 48 7.70 28.02 3.76
CA ASP A 48 7.65 26.69 3.18
C ASP A 48 8.09 26.73 1.73
N ASN A 49 9.19 27.45 1.46
CA ASN A 49 9.62 27.72 0.08
C ASN A 49 9.92 26.47 -0.72
N ARG A 50 9.53 26.52 -1.99
CA ARG A 50 9.86 25.48 -2.95
C ARG A 50 10.53 26.08 -4.18
N TYR A 51 11.73 25.58 -4.48
CA TYR A 51 12.58 26.07 -5.56
C TYR A 51 12.97 24.94 -6.50
N LEU A 52 12.83 25.16 -7.81
CA LEU A 52 13.34 24.21 -8.79
C LEU A 52 14.76 24.57 -9.20
N VAL A 53 15.63 23.57 -9.28
CA VAL A 53 17.03 23.77 -9.65
C VAL A 53 17.15 23.75 -11.17
N LEU A 54 17.77 24.80 -11.71
CA LEU A 54 17.99 24.90 -13.15
C LEU A 54 19.41 24.57 -13.53
N ALA A 55 20.39 25.09 -12.77
CA ALA A 55 21.81 24.92 -13.13
C ALA A 55 22.69 24.63 -11.92
N VAL A 56 23.77 23.87 -12.13
CA VAL A 56 24.71 23.47 -11.07
C VAL A 56 26.14 23.49 -11.58
N GLU A 57 26.98 24.30 -10.95
CA GLU A 57 28.39 24.36 -11.28
C GLU A 57 29.30 24.44 -10.06
N THR A 58 30.29 23.56 -10.04
CA THR A 58 31.41 23.60 -9.11
C THR A 58 32.51 24.51 -9.64
N SER A 59 33.11 25.28 -8.74
CA SER A 59 34.21 26.21 -9.06
C SER A 59 35.11 26.44 -7.84
N GLN A 60 36.26 27.08 -8.08
CA GLN A 60 37.16 27.51 -7.01
C GLN A 60 36.74 28.88 -6.49
N ASN A 61 36.75 29.01 -5.16
CA ASN A 61 36.40 30.27 -4.48
C ASN A 61 37.53 31.32 -4.61
N GLU A 62 37.27 32.56 -4.17
CA GLU A 62 38.28 33.61 -4.00
C GLU A 62 39.52 33.12 -3.23
N ARG A 63 39.27 32.25 -2.25
CA ARG A 63 40.27 31.41 -1.58
C ARG A 63 40.26 30.04 -2.28
N GLY A 64 41.44 29.52 -2.63
CA GLY A 64 41.56 28.26 -3.39
C GLY A 64 40.94 27.01 -2.76
N ALA A 65 39.61 26.94 -2.78
CA ALA A 65 38.83 25.82 -2.21
C ALA A 65 37.50 25.63 -2.96
N GLU A 66 36.98 24.39 -2.95
CA GLU A 66 35.79 23.99 -3.74
C GLU A 66 34.43 24.49 -3.26
N GLU A 67 33.63 25.00 -4.20
CA GLU A 67 32.34 25.64 -3.92
C GLU A 67 31.34 25.35 -5.06
N LYS A 68 30.06 25.23 -4.72
CA LYS A 68 29.01 24.86 -5.68
C LYS A 68 28.00 25.99 -5.83
N ARG A 69 27.65 26.32 -7.08
CA ARG A 69 26.69 27.38 -7.34
C ARG A 69 25.49 26.94 -8.16
N LEU A 70 24.32 27.39 -7.72
CA LEU A 70 23.06 26.95 -8.27
C LEU A 70 22.22 28.11 -8.77
N HIS A 71 21.45 27.85 -9.81
CA HIS A 71 20.44 28.79 -10.30
C HIS A 71 19.08 28.15 -10.00
N VAL A 72 18.25 28.87 -9.27
CA VAL A 72 17.00 28.34 -8.74
C VAL A 72 15.84 29.27 -9.04
N THR A 73 14.62 28.74 -8.98
CA THR A 73 13.41 29.55 -9.20
C THR A 73 12.21 29.10 -8.37
N ALA A 74 11.44 30.07 -7.87
CA ALA A 74 10.23 29.82 -7.08
C ALA A 74 8.96 30.24 -7.83
N SER A 75 9.03 30.17 -9.16
CA SER A 75 7.86 30.38 -10.02
C SER A 75 7.94 29.44 -11.22
N GLN A 76 6.79 28.86 -11.56
CA GLN A 76 6.63 28.02 -12.76
C GLN A 76 6.97 28.85 -14.01
N ASP A 77 6.73 30.16 -13.89
CA ASP A 77 7.15 31.18 -14.83
C ASP A 77 8.66 31.40 -14.80
N ARG A 78 9.27 31.57 -15.97
CA ARG A 78 10.67 31.98 -16.04
C ARG A 78 10.73 33.51 -15.91
N GLU A 79 10.54 33.95 -14.67
CA GLU A 79 10.61 35.37 -14.28
C GLU A 79 11.88 35.61 -13.45
N HIS A 80 12.07 34.79 -12.42
CA HIS A 80 13.25 34.87 -11.58
C HIS A 80 14.20 33.71 -11.79
N GLU A 81 15.48 34.06 -11.80
CA GLU A 81 16.55 33.10 -11.56
C GLU A 81 17.36 33.70 -10.42
N VAL A 82 17.42 32.95 -9.33
CA VAL A 82 18.15 33.34 -8.12
C VAL A 82 19.48 32.57 -8.09
N LEU A 83 20.57 33.30 -7.84
CA LEU A 83 21.87 32.68 -7.64
C LEU A 83 22.05 32.23 -6.18
N CYS A 84 22.12 30.91 -5.98
CA CYS A 84 22.41 30.32 -4.68
C CYS A 84 23.82 29.76 -4.65
N ILE A 85 24.54 30.03 -3.55
CA ILE A 85 25.91 29.52 -3.40
C ILE A 85 26.05 28.64 -2.13
N LEU A 86 26.59 27.44 -2.34
CA LEU A 86 26.79 26.45 -1.29
C LEU A 86 28.29 26.27 -1.02
N ARG A 87 28.72 26.58 0.20
CA ARG A 87 30.15 26.56 0.57
C ARG A 87 30.53 25.49 1.57
N ASN A 88 31.83 25.24 1.65
CA ASN A 88 32.43 24.26 2.59
C ASN A 88 31.85 22.86 2.37
N GLY A 89 31.29 22.26 3.43
CA GLY A 89 30.65 20.94 3.33
C GLY A 89 29.44 20.90 2.42
N TRP A 90 28.66 21.99 2.45
CA TRP A 90 27.47 22.17 1.59
C TRP A 90 27.74 22.06 0.09
N SER A 91 28.99 22.28 -0.32
CA SER A 91 29.37 22.21 -1.73
C SER A 91 29.19 20.79 -2.27
N SER A 92 29.29 19.80 -1.39
CA SER A 92 29.16 18.40 -1.81
C SER A 92 27.73 17.86 -1.75
N VAL A 93 26.73 18.73 -1.52
CA VAL A 93 25.33 18.34 -1.66
C VAL A 93 25.11 17.82 -3.09
N PRO A 94 24.70 16.54 -3.24
CA PRO A 94 24.47 15.93 -4.57
C PRO A 94 23.18 16.43 -5.24
N VAL A 95 23.11 17.73 -5.48
CA VAL A 95 21.97 18.36 -6.12
C VAL A 95 22.21 18.38 -7.64
N GLU A 96 21.13 18.18 -8.38
CA GLU A 96 21.17 18.12 -9.83
C GLU A 96 20.18 19.08 -10.46
N PRO A 97 20.44 19.50 -11.72
CA PRO A 97 19.41 20.32 -12.36
C PRO A 97 18.11 19.53 -12.42
N GLY A 98 17.02 20.17 -12.03
CA GLY A 98 15.72 19.52 -12.06
C GLY A 98 15.18 19.08 -10.72
N ASP A 99 16.02 19.12 -9.67
CA ASP A 99 15.62 18.81 -8.29
C ASP A 99 14.72 19.89 -7.64
N ILE A 100 13.83 19.45 -6.75
CA ILE A 100 13.05 20.35 -5.89
C ILE A 100 13.83 20.57 -4.59
N VAL A 101 14.06 21.83 -4.23
CA VAL A 101 14.80 22.14 -3.00
C VAL A 101 14.05 23.14 -2.13
N HIS A 102 14.41 23.15 -0.84
CA HIS A 102 13.90 24.11 0.16
C HIS A 102 15.09 24.67 0.95
N LEU A 103 15.02 25.99 1.17
CA LEU A 103 16.06 26.73 1.91
C LEU A 103 15.56 27.10 3.31
N GLU A 104 16.37 26.81 4.33
CA GLU A 104 16.05 27.20 5.70
C GLU A 104 16.69 28.54 5.94
N GLY A 105 15.82 29.52 6.11
CA GLY A 105 16.10 30.88 5.71
C GLY A 105 15.86 30.88 4.21
N ASP A 106 14.65 31.31 3.80
CA ASP A 106 14.36 31.72 2.42
C ASP A 106 15.29 32.91 2.11
N CYS A 107 15.78 32.99 0.87
CA CYS A 107 16.62 34.12 0.48
C CYS A 107 15.91 35.47 0.59
N THR A 108 16.52 36.35 1.38
CA THR A 108 16.11 37.75 1.43
C THR A 108 17.06 38.58 0.54
N SER A 109 18.35 38.26 0.61
CA SER A 109 19.41 38.86 -0.22
C SER A 109 19.67 38.04 -1.50
N GLU A 110 20.26 38.68 -2.53
CA GLU A 110 20.30 38.16 -3.92
C GLU A 110 21.53 37.33 -4.37
N PRO A 111 22.72 37.52 -3.76
CA PRO A 111 23.63 36.36 -3.85
C PRO A 111 23.58 35.51 -2.57
N TRP A 112 22.58 34.63 -2.47
CA TRP A 112 22.26 33.86 -1.24
C TRP A 112 23.29 32.78 -0.91
N ILE A 113 23.99 32.97 0.21
CA ILE A 113 25.05 32.06 0.67
C ILE A 113 24.55 31.11 1.78
N ILE A 114 24.84 29.82 1.61
CA ILE A 114 24.69 28.82 2.65
C ILE A 114 26.06 28.18 2.85
N ASP A 115 26.53 28.27 4.09
CA ASP A 115 27.85 27.78 4.43
C ASP A 115 27.88 27.16 5.82
N ASP A 116 29.09 26.75 6.24
CA ASP A 116 29.33 26.12 7.53
C ASP A 116 28.70 26.83 8.72
N ASP A 117 28.58 28.16 8.64
CA ASP A 117 28.07 28.94 9.77
C ASP A 117 26.56 29.26 9.74
N PHE A 118 26.00 29.47 8.55
CA PHE A 118 24.60 29.85 8.48
C PHE A 118 23.79 29.08 7.43
N GLY A 119 22.53 28.82 7.77
CA GLY A 119 21.51 28.30 6.85
C GLY A 119 21.54 26.79 6.62
N TYR A 120 20.39 26.24 6.23
CA TYR A 120 20.31 24.83 5.84
C TYR A 120 19.79 24.68 4.42
N PHE A 121 20.33 23.69 3.71
CA PHE A 121 19.86 23.38 2.39
C PHE A 121 19.20 22.02 2.38
N ILE A 122 17.91 21.98 2.04
CA ILE A 122 17.14 20.73 2.09
C ILE A 122 16.85 20.14 0.69
N LEU A 123 17.49 19.01 0.39
CA LEU A 123 17.28 18.32 -0.90
C LEU A 123 16.01 17.43 -0.87
N TYR A 124 15.10 17.66 -1.81
CA TYR A 124 13.80 16.98 -1.87
C TYR A 124 13.09 17.08 -0.52
N PRO A 125 12.67 18.30 -0.18
CA PRO A 125 12.06 18.61 1.11
C PRO A 125 10.83 17.78 1.42
N ASP A 126 10.17 17.28 0.38
CA ASP A 126 8.90 16.57 0.54
C ASP A 126 9.04 15.09 0.88
N MET A 127 10.24 14.54 0.69
CA MET A 127 10.59 13.21 1.17
C MET A 127 10.90 13.39 2.61
N MET A 128 9.96 13.02 3.48
CA MET A 128 10.18 13.06 4.92
C MET A 128 10.86 11.79 5.46
N ILE A 129 12.15 11.91 5.78
CA ILE A 129 12.94 10.79 6.28
C ILE A 129 12.86 10.74 7.81
N SER A 130 12.60 9.55 8.35
CA SER A 130 12.61 9.37 9.79
C SER A 130 14.00 9.70 10.39
N GLY A 131 13.98 10.38 11.53
CA GLY A 131 15.19 10.69 12.28
C GLY A 131 16.07 9.50 12.60
N THR A 132 15.46 8.36 12.93
CA THR A 132 16.23 7.15 13.25
C THR A 132 17.05 6.64 12.08
N SER A 133 16.53 6.75 10.86
CA SER A 133 17.27 6.40 9.65
C SER A 133 18.49 7.28 9.42
N VAL A 134 18.27 8.58 9.57
CA VAL A 134 19.34 9.56 9.48
C VAL A 134 20.42 9.24 10.52
N ALA A 135 20.00 8.88 11.74
CA ALA A 135 20.93 8.61 12.82
C ALA A 135 21.75 7.37 12.48
N SER A 136 21.08 6.36 11.97
CA SER A 136 21.75 5.15 11.60
C SER A 136 22.66 5.32 10.35
N SER A 137 22.52 6.42 9.63
CA SER A 137 23.30 6.55 8.42
C SER A 137 24.69 7.10 8.72
N ILE A 138 24.87 7.56 9.96
CA ILE A 138 26.15 8.10 10.44
C ILE A 138 27.26 7.09 10.23
N ARG A 139 27.06 5.86 10.72
CA ARG A 139 28.05 4.80 10.60
C ARG A 139 28.03 4.12 9.22
N CYS A 140 26.86 4.03 8.59
CA CYS A 140 26.80 3.46 7.25
C CYS A 140 25.56 3.88 6.46
N LEU A 141 25.80 4.69 5.42
CA LEU A 141 24.75 5.15 4.52
C LEU A 141 24.01 4.02 3.81
N ARG A 142 24.76 2.98 3.46
CA ARG A 142 24.23 1.86 2.74
C ARG A 142 23.26 1.04 3.63
N ARG A 143 23.63 0.84 4.89
CA ARG A 143 22.80 0.19 5.90
C ARG A 143 21.47 0.90 6.06
N ALA A 144 21.52 2.22 6.21
CA ALA A 144 20.29 3.03 6.30
C ALA A 144 19.34 2.84 5.12
N VAL A 145 19.88 2.84 3.89
CA VAL A 145 19.06 2.65 2.69
C VAL A 145 18.46 1.24 2.64
N LEU A 146 19.27 0.24 2.96
CA LEU A 146 18.80 -1.14 3.04
C LEU A 146 17.72 -1.33 4.11
N SER A 147 17.85 -0.65 5.24
CA SER A 147 16.83 -0.66 6.29
C SER A 147 15.49 -0.10 5.84
N GLU A 148 15.56 1.00 5.09
CA GLU A 148 14.39 1.69 4.58
C GLU A 148 13.65 0.89 3.49
N THR A 149 14.38 0.07 2.74
CA THR A 149 13.78 -0.67 1.64
C THR A 149 13.33 -2.10 2.04
N PHE A 150 14.23 -2.87 2.67
CA PHE A 150 13.92 -4.22 3.15
C PHE A 150 13.54 -4.19 4.63
N ARG A 151 12.45 -3.47 4.90
CA ARG A 151 12.02 -3.08 6.27
C ARG A 151 11.84 -4.20 7.34
N GLY A 152 11.74 -5.46 6.91
CA GLY A 152 11.62 -6.58 7.84
C GLY A 152 12.85 -7.48 7.88
N SER A 153 14.03 -6.87 7.81
CA SER A 153 15.30 -7.62 7.91
C SER A 153 16.08 -7.35 9.21
N ASP A 154 15.57 -6.39 9.98
CA ASP A 154 15.97 -6.19 11.36
C ASP A 154 14.84 -6.82 12.22
N PRO A 155 14.94 -8.14 12.53
CA PRO A 155 13.82 -8.86 13.19
C PRO A 155 13.66 -8.50 14.67
N ALA A 156 12.47 -8.80 15.19
CA ALA A 156 12.06 -8.55 16.58
C ALA A 156 12.96 -9.33 17.55
N THR A 157 13.58 -8.65 18.50
CA THR A 157 14.27 -9.34 19.60
C THR A 157 13.57 -9.26 20.96
N ARG A 158 14.03 -10.11 21.87
CA ARG A 158 13.68 -10.04 23.28
C ARG A 158 14.01 -8.67 23.87
N GLN A 159 15.19 -8.12 23.57
CA GLN A 159 15.57 -6.80 24.12
C GLN A 159 14.64 -5.70 23.62
N MET A 160 14.21 -5.82 22.36
CA MET A 160 13.27 -4.87 21.79
C MET A 160 11.89 -4.96 22.39
N LEU A 161 11.44 -6.17 22.73
CA LEU A 161 10.16 -6.32 23.42
C LEU A 161 10.21 -5.67 24.83
N ILE A 162 11.27 -5.93 25.58
CA ILE A 162 11.48 -5.32 26.90
C ILE A 162 11.33 -3.79 26.76
N GLY A 163 12.08 -3.23 25.80
CA GLY A 163 12.09 -1.81 25.50
C GLY A 163 10.74 -1.21 25.21
N THR A 164 9.98 -1.84 24.32
CA THR A 164 8.61 -1.46 24.02
C THR A 164 7.72 -1.42 25.27
N ILE A 165 7.81 -2.44 26.12
CA ILE A 165 6.98 -2.52 27.30
C ILE A 165 7.31 -1.38 28.28
N LEU A 166 8.61 -1.19 28.50
CA LEU A 166 9.11 -0.18 29.43
C LEU A 166 8.78 1.24 29.03
N HIS A 167 8.85 1.51 27.72
CA HIS A 167 8.40 2.78 27.15
C HIS A 167 6.93 3.01 27.58
N GLU A 168 6.05 2.07 27.28
CA GLU A 168 4.64 2.14 27.67
C GLU A 168 4.40 2.33 29.19
N VAL A 169 5.10 1.54 30.04
CA VAL A 169 5.04 1.73 31.51
C VAL A 169 5.46 3.15 31.93
N PHE A 170 6.58 3.64 31.43
CA PHE A 170 6.99 5.01 31.73
C PHE A 170 5.95 6.04 31.29
N GLN A 171 5.35 5.82 30.14
CA GLN A 171 4.41 6.76 29.59
C GLN A 171 3.10 6.73 30.35
N LYS A 172 2.69 5.57 30.85
CA LYS A 172 1.52 5.52 31.71
C LYS A 172 1.82 6.19 33.05
N ALA A 173 3.04 5.99 33.55
CA ALA A 173 3.45 6.43 34.89
C ALA A 173 3.50 7.94 34.97
N ILE A 174 4.12 8.58 33.97
CA ILE A 174 4.36 10.03 34.01
C ILE A 174 3.06 10.85 34.01
N SER A 175 1.94 10.27 33.54
CA SER A 175 0.61 10.91 33.71
C SER A 175 0.12 10.68 35.14
N GLU A 176 0.31 9.46 35.66
CA GLU A 176 -0.25 9.08 36.97
C GLU A 176 0.76 9.31 38.09
N SER A 177 1.54 8.28 38.41
CA SER A 177 2.40 8.30 39.58
C SER A 177 3.62 7.39 39.40
N PHE A 178 4.73 7.72 40.03
CA PHE A 178 5.86 6.81 40.09
C PHE A 178 6.02 6.05 41.44
N ALA A 179 4.98 6.08 42.29
CA ALA A 179 4.93 5.25 43.51
C ALA A 179 5.20 3.79 43.15
N PRO A 180 6.11 3.12 43.89
CA PRO A 180 6.48 1.72 43.57
C PRO A 180 5.28 0.80 43.35
N GLU A 181 4.28 0.87 44.21
CA GLU A 181 3.09 0.03 44.06
C GLU A 181 2.34 0.31 42.76
N ARG A 182 2.30 1.58 42.32
CA ARG A 182 1.66 1.92 41.04
C ARG A 182 2.45 1.41 39.86
N LEU A 183 3.77 1.49 39.93
CA LEU A 183 4.61 0.94 38.88
C LEU A 183 4.40 -0.55 38.75
N GLN A 184 4.34 -1.25 39.89
CA GLN A 184 4.17 -2.69 39.88
C GLN A 184 2.81 -3.01 39.25
N GLU A 185 1.77 -2.28 39.65
CA GLU A 185 0.47 -2.30 38.98
C GLU A 185 0.54 -2.13 37.44
N LEU A 186 1.18 -1.05 37.00
CA LEU A 186 1.35 -0.80 35.57
C LEU A 186 2.08 -1.94 34.86
N ALA A 187 3.15 -2.46 35.46
CA ALA A 187 3.89 -3.63 34.93
C ALA A 187 2.98 -4.88 34.82
N LEU A 188 2.24 -5.18 35.87
CA LEU A 188 1.33 -6.31 35.84
C LEU A 188 0.30 -6.19 34.70
N GLN A 189 -0.29 -5.01 34.54
CA GLN A 189 -1.33 -4.80 33.54
C GLN A 189 -0.77 -4.79 32.13
N THR A 190 0.38 -4.14 31.95
CA THR A 190 0.97 -4.00 30.62
C THR A 190 1.38 -5.36 30.07
N LEU A 191 1.92 -6.22 30.93
CA LEU A 191 2.40 -7.51 30.51
C LEU A 191 1.32 -8.43 29.92
N ARG A 192 0.05 -8.18 30.27
CA ARG A 192 -1.11 -8.96 29.78
C ARG A 192 -1.77 -8.44 28.51
N GLU A 193 -1.34 -7.30 28.01
CA GLU A 193 -1.87 -6.77 26.76
C GLU A 193 -1.50 -7.65 25.57
N VAL A 194 -2.50 -7.95 24.74
CA VAL A 194 -2.34 -8.93 23.65
C VAL A 194 -1.18 -8.57 22.73
N ARG A 195 -1.05 -7.29 22.42
CA ARG A 195 0.04 -6.83 21.57
C ARG A 195 1.39 -7.29 22.10
N HIS A 196 1.53 -7.38 23.43
CA HIS A 196 2.78 -7.86 24.01
C HIS A 196 2.83 -9.39 24.07
N LEU A 197 1.68 -10.00 24.39
CA LEU A 197 1.59 -11.45 24.40
C LEU A 197 1.95 -12.09 23.04
N LYS A 198 1.48 -11.44 21.97
CA LYS A 198 1.77 -11.82 20.59
C LYS A 198 3.29 -11.89 20.35
N GLU A 199 4.03 -10.91 20.88
CA GLU A 199 5.49 -10.88 20.70
C GLU A 199 6.19 -11.92 21.54
N MET A 200 5.65 -12.18 22.73
CA MET A 200 6.19 -13.28 23.53
C MET A 200 6.04 -14.64 22.82
N TYR A 201 4.86 -14.82 22.23
CA TYR A 201 4.58 -15.99 21.40
C TYR A 201 5.51 -16.08 20.21
N ARG A 202 5.59 -15.00 19.42
CA ARG A 202 6.51 -14.91 18.28
C ARG A 202 7.88 -15.43 18.67
N LEU A 203 8.35 -14.98 19.82
CA LEU A 203 9.72 -15.21 20.25
C LEU A 203 9.90 -16.46 21.12
N ASN A 204 8.80 -17.15 21.45
CA ASN A 204 8.80 -18.34 22.29
C ASN A 204 9.40 -18.04 23.70
N LEU A 205 8.87 -17.02 24.35
CA LEU A 205 9.37 -16.60 25.65
C LEU A 205 8.33 -16.92 26.68
N SER A 206 8.74 -16.94 27.94
CA SER A 206 7.93 -17.21 29.11
C SER A 206 7.41 -15.89 29.70
N GLN A 207 6.09 -15.78 29.86
CA GLN A 207 5.47 -14.54 30.36
C GLN A 207 6.07 -13.97 31.65
N ASP A 208 6.23 -14.78 32.68
CA ASP A 208 6.82 -14.31 33.91
C ASP A 208 8.30 -13.88 33.85
N GLU A 209 9.04 -14.48 32.92
CA GLU A 209 10.43 -14.08 32.65
C GLU A 209 10.45 -12.63 32.18
N ILE A 210 9.52 -12.28 31.30
CA ILE A 210 9.44 -10.93 30.78
C ILE A 210 8.96 -9.97 31.88
N LEU A 211 7.94 -10.34 32.62
CA LEU A 211 7.59 -9.58 33.82
C LEU A 211 8.77 -9.34 34.75
N CYS A 212 9.52 -10.38 35.08
CA CYS A 212 10.70 -10.21 35.93
C CYS A 212 11.67 -9.15 35.38
N GLU A 213 12.00 -9.26 34.09
CA GLU A 213 12.92 -8.33 33.41
C GLU A 213 12.43 -6.89 33.50
N VAL A 214 11.13 -6.69 33.27
CA VAL A 214 10.48 -5.39 33.35
C VAL A 214 10.59 -4.86 34.77
N GLU A 215 10.33 -5.73 35.75
CA GLU A 215 10.36 -5.35 37.18
C GLU A 215 11.69 -4.84 37.66
N GLU A 216 12.77 -5.45 37.19
CA GLU A 216 14.15 -5.01 37.55
C GLU A 216 14.40 -3.53 37.32
N TYR A 217 13.69 -2.94 36.35
CA TYR A 217 13.80 -1.53 35.97
C TYR A 217 13.00 -0.57 36.84
N LEU A 218 11.96 -1.03 37.50
CA LEU A 218 11.04 -0.12 38.18
C LEU A 218 11.70 0.82 39.22
N PRO A 219 12.65 0.30 40.04
CA PRO A 219 13.29 1.23 41.00
C PRO A 219 14.05 2.36 40.31
N SER A 220 14.59 2.10 39.12
CA SER A 220 15.21 3.19 38.36
C SER A 220 14.19 4.26 37.93
N PHE A 221 12.98 3.82 37.57
CA PHE A 221 11.89 4.75 37.24
C PHE A 221 11.64 5.68 38.44
N SER A 222 11.55 5.10 39.64
CA SER A 222 11.33 5.87 40.86
C SER A 222 12.46 6.81 41.25
N LYS A 223 13.71 6.37 41.07
CA LYS A 223 14.87 7.23 41.33
C LYS A 223 14.82 8.46 40.40
N TRP A 224 14.52 8.23 39.13
CA TRP A 224 14.41 9.32 38.18
C TRP A 224 13.36 10.35 38.62
N ALA A 225 12.17 9.88 38.97
CA ALA A 225 11.06 10.76 39.33
C ALA A 225 11.35 11.46 40.65
N GLU A 226 12.04 10.74 41.52
CA GLU A 226 12.59 11.27 42.76
C GLU A 226 13.50 12.46 42.51
N ASP A 227 14.40 12.36 41.54
CA ASP A 227 15.35 13.44 41.29
C ASP A 227 14.74 14.63 40.54
N PHE A 228 13.92 14.35 39.53
CA PHE A 228 13.49 15.40 38.60
C PHE A 228 12.10 15.93 38.82
N MET A 229 11.22 15.15 39.44
CA MET A 229 9.81 15.53 39.57
C MET A 229 9.36 15.73 41.02
N ARG A 230 10.30 15.62 41.97
CA ARG A 230 10.00 15.90 43.39
C ARG A 230 9.46 17.32 43.52
N LYS A 231 8.55 17.55 44.43
CA LYS A 231 8.23 18.93 44.75
C LYS A 231 9.19 19.35 45.85
N GLY A 232 9.94 20.44 45.60
CA GLY A 232 10.87 20.95 46.60
C GLY A 232 11.59 22.23 46.24
N PRO A 233 12.58 22.64 47.09
CA PRO A 233 13.44 23.80 46.77
C PRO A 233 14.15 23.59 45.45
N SER A 234 14.29 24.66 44.69
CA SER A 234 14.85 24.59 43.35
C SER A 234 16.32 24.16 43.34
N SER A 235 17.05 24.48 44.39
CA SER A 235 18.43 24.01 44.53
C SER A 235 18.57 22.51 44.75
N GLU A 236 17.47 21.84 45.07
CA GLU A 236 17.50 20.39 45.30
C GLU A 236 17.34 19.56 44.05
N PHE A 237 17.10 20.21 42.90
CA PHE A 237 17.06 19.48 41.63
C PHE A 237 18.48 19.30 41.09
N PRO A 238 18.74 18.26 40.26
CA PRO A 238 20.14 17.99 39.82
C PRO A 238 20.75 19.17 39.05
N GLN A 239 22.01 19.48 39.37
CA GLN A 239 22.76 20.57 38.77
C GLN A 239 23.35 20.05 37.45
N MET A 240 23.20 20.81 36.38
CA MET A 240 23.85 20.50 35.08
C MET A 240 24.38 21.76 34.40
N GLN A 241 25.26 21.61 33.41
CA GLN A 241 25.53 22.73 32.50
C GLN A 241 24.76 22.45 31.23
N LEU A 242 23.99 23.44 30.80
CA LEU A 242 23.08 23.33 29.69
C LEU A 242 23.09 24.69 29.04
N SER A 243 24.07 24.90 28.18
CA SER A 243 24.26 26.22 27.59
C SER A 243 23.52 26.34 26.24
N LEU A 244 22.49 27.18 26.27
CA LEU A 244 21.61 27.40 25.14
C LEU A 244 21.90 28.77 24.56
N PRO A 245 21.69 28.94 23.22
CA PRO A 245 21.75 30.26 22.57
C PRO A 245 20.89 31.40 23.18
N SER A 246 20.06 31.06 24.19
CA SER A 246 19.06 31.94 24.80
C SER A 246 19.48 32.93 25.92
N ASP A 247 20.74 32.88 26.37
CA ASP A 247 21.22 33.76 27.48
C ASP A 247 22.65 34.34 27.26
N GLY A 248 23.37 34.66 28.35
CA GLY A 248 24.74 35.17 28.26
C GLY A 248 25.04 36.22 29.33
N ARG A 251 23.77 31.14 31.49
CA ARG A 251 24.61 30.51 30.46
C ARG A 251 25.93 30.12 31.10
N SER A 252 26.49 28.96 30.70
CA SER A 252 27.82 28.45 31.13
C SER A 252 28.03 28.55 32.66
N SER A 253 26.94 28.28 33.37
CA SER A 253 26.84 28.46 34.80
C SER A 253 25.84 27.40 35.16
N PRO A 254 26.23 26.43 36.02
CA PRO A 254 25.36 25.27 36.24
C PRO A 254 23.92 25.65 36.65
N CYS A 255 22.95 24.85 36.27
CA CYS A 255 21.58 25.16 36.68
C CYS A 255 20.82 23.94 37.12
N ASN A 256 19.69 24.14 37.78
CA ASN A 256 18.91 23.02 38.34
C ASN A 256 17.73 22.66 37.46
N ILE A 257 17.60 21.37 37.13
CA ILE A 257 16.59 20.91 36.15
C ILE A 257 15.43 20.24 36.85
N GLU A 258 14.24 20.81 36.69
CA GLU A 258 12.96 20.26 37.20
C GLU A 258 12.03 19.83 36.06
N VAL A 259 11.58 18.57 36.09
CA VAL A 259 10.57 18.12 35.15
C VAL A 259 9.21 18.34 35.83
N VAL A 260 8.45 19.29 35.31
CA VAL A 260 7.16 19.61 35.89
C VAL A 260 6.15 18.52 35.57
N LYS A 261 5.95 18.25 34.28
CA LYS A 261 4.90 17.38 33.81
C LYS A 261 5.15 16.90 32.39
N SER A 262 4.42 15.87 31.99
CA SER A 262 4.41 15.47 30.62
C SER A 262 3.24 16.19 30.03
N LEU A 263 3.49 16.76 28.86
CA LEU A 263 2.50 17.51 28.12
C LEU A 263 1.94 16.63 27.03
N ASP A 264 2.77 15.67 26.62
CA ASP A 264 2.45 14.82 25.50
C ASP A 264 3.21 13.51 25.51
N ILE A 265 2.56 12.51 24.91
CA ILE A 265 3.09 11.16 24.78
C ILE A 265 2.99 10.77 23.31
N GLU A 266 4.07 10.18 22.80
CA GLU A 266 4.08 9.58 21.47
C GLU A 266 3.69 10.56 20.37
N GLU A 267 4.33 11.73 20.36
CA GLU A 267 3.94 12.79 19.46
C GLU A 267 4.63 12.63 18.11
N SER A 268 3.84 12.33 17.08
CA SER A 268 4.41 12.17 15.75
C SER A 268 4.35 13.47 14.98
N ILE A 269 5.41 13.73 14.23
CA ILE A 269 5.61 15.00 13.54
C ILE A 269 6.24 14.75 12.17
N TRP A 270 5.56 15.29 11.17
CA TRP A 270 6.04 15.38 9.80
C TRP A 270 6.58 16.78 9.55
N SER A 271 7.81 16.87 9.08
CA SER A 271 8.42 18.15 8.80
C SER A 271 8.73 18.38 7.33
N PRO A 272 7.87 19.16 6.65
CA PRO A 272 8.11 19.62 5.28
C PRO A 272 9.09 20.78 5.24
N ARG A 273 9.52 21.28 6.38
CA ARG A 273 10.61 22.24 6.39
C ARG A 273 11.94 21.49 6.33
N PHE A 274 12.07 20.39 7.07
CA PHE A 274 13.36 19.69 7.15
C PHE A 274 13.47 18.37 6.43
N GLY A 275 12.37 17.92 5.83
CA GLY A 275 12.32 16.62 5.17
C GLY A 275 12.54 15.51 6.17
N LEU A 276 11.86 15.65 7.33
CA LEU A 276 12.00 14.73 8.46
C LEU A 276 10.69 14.26 9.03
N LYS A 277 10.74 13.14 9.75
CA LYS A 277 9.58 12.70 10.54
C LYS A 277 10.04 11.92 11.74
N GLY A 278 9.23 11.91 12.78
CA GLY A 278 9.60 11.17 13.96
C GLY A 278 8.53 11.09 15.01
N LYS A 279 8.82 10.34 16.05
CA LYS A 279 7.91 10.17 17.17
C LYS A 279 8.69 10.56 18.43
N ILE A 280 8.24 11.61 19.13
CA ILE A 280 8.81 11.98 20.43
C ILE A 280 8.15 11.11 21.51
N ASP A 281 8.98 10.37 22.25
CA ASP A 281 8.52 9.50 23.33
C ASP A 281 7.66 10.29 24.33
N VAL A 282 8.23 11.38 24.86
CA VAL A 282 7.55 12.24 25.82
C VAL A 282 7.96 13.67 25.57
N THR A 283 6.97 14.53 25.48
CA THR A 283 7.19 15.95 25.49
C THR A 283 6.99 16.47 26.93
N VAL A 284 8.02 17.10 27.48
CA VAL A 284 7.96 17.53 28.87
C VAL A 284 7.97 19.05 29.05
N GLY A 285 7.32 19.50 30.14
CA GLY A 285 7.43 20.87 30.63
C GLY A 285 8.54 20.86 31.63
N VAL A 286 9.53 21.72 31.42
CA VAL A 286 10.77 21.74 32.21
C VAL A 286 11.00 23.17 32.72
N LYS A 287 11.32 23.28 34.00
CA LYS A 287 11.81 24.53 34.58
C LYS A 287 13.32 24.44 34.71
N ILE A 288 14.01 25.44 34.19
CA ILE A 288 15.46 25.54 34.31
C ILE A 288 15.71 26.59 35.36
N HIS A 289 16.24 26.19 36.52
CA HIS A 289 16.47 27.12 37.63
C HIS A 289 17.93 27.54 37.68
N ARG A 290 18.15 28.85 37.85
CA ARG A 290 19.49 29.45 37.89
C ARG A 290 19.39 30.76 38.66
N ASP A 291 20.24 30.92 39.69
CA ASP A 291 20.35 32.18 40.46
C ASP A 291 18.99 32.79 40.83
N CYS A 292 18.20 32.05 41.62
CA CYS A 292 16.84 32.46 42.06
C CYS A 292 15.79 32.66 40.94
N LYS A 293 16.26 32.68 39.69
CA LYS A 293 15.42 32.88 38.50
C LYS A 293 15.07 31.54 37.81
N MET A 294 14.03 31.54 36.99
CA MET A 294 13.47 30.32 36.39
C MET A 294 13.12 30.60 34.94
N LYS A 295 13.31 29.60 34.08
CA LYS A 295 12.82 29.67 32.70
C LYS A 295 12.08 28.36 32.39
N TYR A 296 10.92 28.47 31.76
CA TYR A 296 10.12 27.30 31.42
C TYR A 296 10.23 26.99 29.92
N LYS A 297 10.58 25.74 29.60
CA LYS A 297 10.72 25.28 28.22
C LYS A 297 9.99 23.97 28.02
N VAL A 298 9.38 23.81 26.85
CA VAL A 298 8.74 22.57 26.46
C VAL A 298 9.76 21.80 25.65
N MET A 299 10.12 20.59 26.10
CA MET A 299 11.27 19.89 25.56
C MET A 299 11.01 18.40 25.21
N PRO A 300 11.68 17.87 24.16
CA PRO A 300 11.50 16.47 23.81
C PRO A 300 12.34 15.58 24.71
N LEU A 301 11.79 14.44 25.11
CA LEU A 301 12.52 13.48 25.94
C LEU A 301 12.55 12.13 25.23
N GLU A 302 13.74 11.56 25.09
CA GLU A 302 13.92 10.28 24.41
C GLU A 302 14.18 9.19 25.45
N LEU A 303 13.39 8.13 25.43
CA LEU A 303 13.62 7.00 26.35
C LEU A 303 14.42 5.87 25.69
N LYS A 304 15.37 5.32 26.44
CA LYS A 304 16.24 4.23 25.97
C LYS A 304 16.35 3.17 27.05
N THR A 305 16.14 1.92 26.66
CA THR A 305 16.32 0.82 27.57
C THR A 305 17.66 0.20 27.18
N GLY A 306 18.14 -0.79 27.91
CA GLY A 306 19.49 -1.29 27.58
C GLY A 306 20.66 -0.31 27.84
N LYS A 307 21.77 -0.51 27.15
CA LYS A 307 23.07 0.08 27.52
C LYS A 307 23.05 1.63 27.66
N GLU A 308 23.68 2.16 28.71
CA GLU A 308 23.78 3.61 28.91
C GLU A 308 25.01 4.18 28.17
N SER A 309 24.83 4.48 26.89
CA SER A 309 25.98 4.78 26.01
C SER A 309 26.15 6.25 25.69
N ASN A 310 25.07 7.02 25.69
CA ASN A 310 25.15 8.44 25.30
C ASN A 310 25.91 8.61 23.98
N SER A 311 25.56 7.74 23.04
CA SER A 311 26.25 7.59 21.78
C SER A 311 25.92 8.74 20.81
N ILE A 312 26.83 8.96 19.85
CA ILE A 312 26.58 9.87 18.74
C ILE A 312 25.18 9.62 18.15
N GLU A 313 24.82 8.36 17.87
CA GLU A 313 23.49 8.03 17.29
C GLU A 313 22.33 8.50 18.15
N HIS A 314 22.39 8.16 19.43
CA HIS A 314 21.36 8.54 20.38
C HIS A 314 21.22 10.03 20.50
N ARG A 315 22.35 10.72 20.57
CA ARG A 315 22.34 12.16 20.72
C ARG A 315 21.81 12.83 19.45
N SER A 316 22.25 12.33 18.31
CA SER A 316 21.78 12.81 17.02
C SER A 316 20.26 12.70 16.89
N GLN A 317 19.67 11.58 17.32
CA GLN A 317 18.20 11.44 17.30
C GLN A 317 17.51 12.57 18.07
N VAL A 318 18.04 12.89 19.25
CA VAL A 318 17.47 13.95 20.07
C VAL A 318 17.56 15.30 19.35
N VAL A 319 18.70 15.56 18.71
CA VAL A 319 18.93 16.82 17.99
C VAL A 319 17.92 16.96 16.87
N LEU A 320 17.67 15.86 16.16
CA LEU A 320 16.67 15.83 15.11
C LEU A 320 15.29 16.09 15.69
N TYR A 321 15.02 15.56 16.87
CA TYR A 321 13.73 15.84 17.55
C TYR A 321 13.51 17.33 17.82
N THR A 322 14.58 18.07 18.06
CA THR A 322 14.46 19.51 18.35
C THR A 322 14.16 20.28 17.08
N LEU A 323 14.62 19.74 15.95
CA LEU A 323 14.19 20.24 14.64
C LEU A 323 12.71 19.96 14.41
N LEU A 324 12.32 18.71 14.56
CA LEU A 324 10.93 18.29 14.41
C LEU A 324 9.98 19.15 15.25
N SER A 325 10.41 19.51 16.47
CA SER A 325 9.60 20.32 17.39
C SER A 325 9.21 21.71 16.85
N GLN A 326 10.12 22.31 16.07
CA GLN A 326 9.89 23.63 15.43
C GLN A 326 8.65 23.70 14.55
N GLU A 327 8.12 22.54 14.18
CA GLU A 327 6.94 22.44 13.35
C GLU A 327 5.67 22.53 14.21
N ARG A 328 5.85 22.52 15.53
CA ARG A 328 4.71 22.58 16.44
C ARG A 328 4.75 23.79 17.39
N ARG A 329 5.95 24.16 17.81
CA ARG A 329 6.17 25.15 18.86
C ARG A 329 7.52 25.83 18.63
N GLU A 330 7.93 26.72 19.53
CA GLU A 330 9.23 27.36 19.42
C GLU A 330 10.36 26.33 19.59
N ASP A 331 11.50 26.59 18.96
CA ASP A 331 12.68 25.74 19.07
C ASP A 331 13.09 25.46 20.55
N PRO A 332 13.00 24.19 21.00
CA PRO A 332 13.41 23.89 22.38
C PRO A 332 14.92 24.04 22.64
N GLU A 333 15.74 24.05 21.58
CA GLU A 333 17.20 24.28 21.65
C GLU A 333 18.02 23.09 22.17
N ALA A 334 17.33 22.14 22.78
CA ALA A 334 17.97 20.95 23.39
C ALA A 334 16.88 19.96 23.73
N GLY A 335 17.29 18.72 23.94
CA GLY A 335 16.35 17.70 24.40
C GLY A 335 17.02 16.84 25.46
N TRP A 336 16.35 15.75 25.81
CA TRP A 336 16.82 14.88 26.87
C TRP A 336 16.84 13.41 26.47
N LEU A 337 17.91 12.72 26.90
CA LEU A 337 18.07 11.28 26.77
C LEU A 337 17.99 10.68 28.15
N LEU A 338 17.00 9.82 28.36
CA LEU A 338 16.90 9.09 29.60
C LEU A 338 17.16 7.59 29.35
N TYR A 339 18.18 7.07 30.01
CA TYR A 339 18.46 5.66 30.04
C TYR A 339 17.68 5.08 31.23
N LEU A 340 16.56 4.43 30.90
CA LEU A 340 15.66 3.86 31.92
C LEU A 340 16.31 2.80 32.84
N LYS A 341 17.36 2.15 32.37
CA LYS A 341 18.04 1.08 33.12
C LYS A 341 18.59 1.60 34.41
N THR A 342 19.01 2.86 34.40
CA THR A 342 19.74 3.45 35.53
C THR A 342 19.09 4.71 36.00
N GLY A 343 18.16 5.25 35.22
CA GLY A 343 17.49 6.49 35.59
C GLY A 343 18.32 7.74 35.29
N GLN A 344 19.39 7.58 34.51
CA GLN A 344 20.30 8.67 34.16
C GLN A 344 19.76 9.45 32.99
N MET A 345 19.72 10.78 33.14
CA MET A 345 19.23 11.65 32.09
C MET A 345 20.29 12.66 31.62
N TYR A 346 20.56 12.66 30.32
CA TYR A 346 21.61 13.44 29.71
C TYR A 346 21.04 14.58 28.91
N PRO A 347 21.56 15.79 29.12
CA PRO A 347 21.12 16.88 28.26
C PRO A 347 21.68 16.71 26.85
N VAL A 348 20.89 17.01 25.84
CA VAL A 348 21.43 17.06 24.48
C VAL A 348 21.16 18.43 23.87
N PRO A 349 22.17 19.32 23.87
CA PRO A 349 22.06 20.61 23.20
C PRO A 349 22.12 20.42 21.70
N ALA A 350 21.32 21.19 21.00
CA ALA A 350 21.26 21.11 19.56
C ALA A 350 22.06 22.24 18.97
N ASN A 351 23.35 22.03 18.77
CA ASN A 351 24.23 23.07 18.20
C ASN A 351 24.05 23.20 16.71
N HIS A 352 24.45 24.36 16.18
CA HIS A 352 24.37 24.57 14.75
C HIS A 352 25.18 23.55 13.95
N LEU A 353 26.37 23.21 14.43
CA LEU A 353 27.25 22.21 13.80
C LEU A 353 26.56 20.84 13.63
N ASP A 354 25.91 20.38 14.70
CA ASP A 354 25.18 19.11 14.72
C ASP A 354 24.02 19.07 13.72
N LYS A 355 23.17 20.10 13.77
CA LYS A 355 22.03 20.20 12.86
C LYS A 355 22.53 20.32 11.42
N ARG A 356 23.62 21.05 11.23
CA ARG A 356 24.18 21.18 9.92
C ARG A 356 24.61 19.81 9.39
N GLU A 357 25.45 19.09 10.13
CA GLU A 357 26.00 17.83 9.63
C GLU A 357 24.90 16.78 9.44
N LEU A 358 23.94 16.78 10.35
CA LEU A 358 22.82 15.87 10.30
C LEU A 358 21.90 16.11 9.09
N LEU A 359 21.69 17.37 8.73
CA LEU A 359 20.84 17.69 7.58
C LEU A 359 21.57 17.47 6.24
N LYS A 360 22.89 17.69 6.23
CA LYS A 360 23.74 17.26 5.12
C LYS A 360 23.60 15.74 4.91
N LEU A 361 23.75 14.99 6.01
CA LEU A 361 23.61 13.54 5.96
C LEU A 361 22.20 13.08 5.56
N ARG A 362 21.18 13.84 5.96
CA ARG A 362 19.82 13.55 5.51
C ARG A 362 19.63 13.73 3.97
N ASN A 363 20.29 14.74 3.40
CA ASN A 363 20.30 14.93 1.94
C ASN A 363 20.84 13.70 1.19
N TRP A 364 22.02 13.22 1.57
CA TRP A 364 22.59 11.98 1.03
C TRP A 364 21.64 10.78 1.11
N LEU A 365 20.93 10.65 2.22
CA LEU A 365 19.98 9.56 2.35
C LEU A 365 18.78 9.75 1.43
N ALA A 366 18.30 10.99 1.31
CA ALA A 366 17.16 11.30 0.43
C ALA A 366 17.53 11.03 -1.04
N ALA A 367 18.73 11.47 -1.41
CA ALA A 367 19.29 11.22 -2.75
C ALA A 367 19.39 9.72 -3.05
N SER A 368 19.97 8.94 -2.15
CA SER A 368 20.15 7.50 -2.37
C SER A 368 18.83 6.77 -2.41
N LEU A 369 17.87 7.20 -1.59
CA LEU A 369 16.54 6.58 -1.63
C LEU A 369 15.82 6.92 -2.94
N LEU A 370 16.09 8.10 -3.50
CA LEU A 370 15.33 8.53 -4.66
C LEU A 370 15.87 8.04 -5.99
N HIS A 371 17.19 8.00 -6.12
CA HIS A 371 17.82 7.62 -7.36
C HIS A 371 18.05 6.12 -7.42
N ARG A 372 16.98 5.40 -7.64
CA ARG A 372 17.07 3.94 -7.61
C ARG A 372 17.26 3.30 -9.00
N VAL A 373 16.84 4.00 -10.06
CA VAL A 373 16.94 3.48 -11.43
C VAL A 373 17.95 4.23 -12.32
N SER A 374 18.95 3.51 -12.79
CA SER A 374 19.94 4.03 -13.72
C SER A 374 19.48 3.80 -15.14
N ARG A 375 19.83 4.76 -15.99
CA ARG A 375 19.48 4.72 -17.39
C ARG A 375 20.69 5.21 -18.21
N ALA A 376 21.35 4.29 -18.92
CA ALA A 376 22.61 4.55 -19.68
C ALA A 376 22.59 5.83 -20.52
N ALA A 377 21.57 5.95 -21.36
CA ALA A 377 21.20 7.20 -22.01
C ALA A 377 19.68 7.36 -21.82
N PRO A 378 19.13 8.60 -21.98
CA PRO A 378 17.65 8.75 -21.89
C PRO A 378 16.88 7.97 -22.96
N GLY A 379 16.33 6.81 -22.58
CA GLY A 379 15.59 5.93 -23.50
C GLY A 379 16.15 4.53 -23.69
N GLU A 380 17.35 4.30 -23.15
CA GLU A 380 17.98 2.97 -23.10
C GLU A 380 17.40 2.21 -21.90
N GLU A 381 17.70 0.91 -21.81
CA GLU A 381 17.13 0.06 -20.77
C GLU A 381 17.45 0.53 -19.35
N ALA A 382 16.45 0.35 -18.48
CA ALA A 382 16.56 0.63 -17.07
C ALA A 382 17.43 -0.41 -16.35
N ARG A 383 18.20 0.09 -15.39
CA ARG A 383 19.05 -0.73 -14.56
C ARG A 383 18.79 -0.28 -13.14
N LEU A 384 19.01 -1.16 -12.16
CA LEU A 384 19.08 -0.71 -10.76
C LEU A 384 20.40 0.04 -10.50
N SER A 385 20.28 1.18 -9.84
CA SER A 385 21.45 1.95 -9.38
C SER A 385 22.19 1.25 -8.23
N ALA A 386 23.52 1.41 -8.20
CA ALA A 386 24.33 0.95 -7.08
C ALA A 386 23.84 1.60 -5.77
N LEU A 387 23.98 0.89 -4.66
CA LEU A 387 23.72 1.52 -3.36
C LEU A 387 24.96 2.30 -2.96
N PRO A 388 24.90 3.06 -1.84
CA PRO A 388 26.17 3.64 -1.37
C PRO A 388 27.19 2.52 -1.12
N GLN A 389 28.46 2.84 -1.35
CA GLN A 389 29.53 1.86 -1.25
C GLN A 389 29.52 1.07 0.07
N ILE A 390 29.85 -0.21 -0.01
CA ILE A 390 30.28 -0.99 1.14
C ILE A 390 31.45 -0.26 1.85
N ILE A 391 31.34 -0.13 3.18
CA ILE A 391 32.29 0.66 4.00
C ILE A 391 33.53 -0.14 4.40
N GLU A 392 34.54 0.60 4.86
CA GLU A 392 35.82 0.07 5.32
C GLU A 392 35.77 -0.60 6.70
N GLU A 393 34.90 -0.11 7.59
CA GLU A 393 34.85 -0.50 9.01
C GLU A 393 34.33 -1.91 9.29
N GLU A 394 35.25 -2.82 9.63
CA GLU A 394 34.96 -4.23 9.99
C GLU A 394 33.97 -4.35 11.14
N LYS A 395 34.24 -3.61 12.22
CA LYS A 395 33.45 -3.54 13.44
C LYS A 395 31.97 -3.27 13.16
N THR A 396 31.71 -2.29 12.28
CA THR A 396 30.34 -1.90 11.87
C THR A 396 29.61 -3.04 11.14
N CYS A 397 30.26 -3.62 10.13
CA CYS A 397 29.69 -4.68 9.29
C CYS A 397 29.36 -5.96 10.05
N LYS A 398 30.26 -6.34 10.96
CA LYS A 398 30.12 -7.53 11.81
C LYS A 398 28.80 -7.51 12.62
N TYR A 399 28.48 -6.34 13.17
CA TYR A 399 27.26 -6.10 13.96
C TYR A 399 26.01 -5.76 13.13
N CYS A 400 26.16 -5.67 11.80
CA CYS A 400 25.08 -5.21 10.92
C CYS A 400 24.05 -6.29 10.53
N SER A 401 22.80 -5.97 10.82
CA SER A 401 21.65 -6.86 10.58
C SER A 401 21.23 -6.91 9.09
N GLN A 402 21.73 -5.96 8.30
CA GLN A 402 21.46 -5.93 6.87
C GLN A 402 22.52 -6.64 6.01
N ILE A 403 23.47 -7.34 6.62
CA ILE A 403 24.57 -7.98 5.86
C ILE A 403 24.10 -8.93 4.75
N GLY A 404 23.01 -9.66 5.03
CA GLY A 404 22.45 -10.62 4.08
C GLY A 404 22.06 -9.88 2.83
N ASN A 405 21.25 -8.84 2.98
CA ASN A 405 20.81 -8.03 1.85
C ASN A 405 21.93 -7.25 1.19
N CYS A 406 22.89 -6.81 2.00
CA CYS A 406 24.07 -6.09 1.52
C CYS A 406 24.87 -6.96 0.55
N ALA A 407 25.22 -8.16 1.00
CA ALA A 407 25.96 -9.10 0.18
C ALA A 407 25.17 -9.48 -1.08
N LEU A 408 23.87 -9.75 -0.87
CA LEU A 408 22.94 -10.13 -1.94
C LEU A 408 22.89 -9.06 -3.02
N TYR A 409 22.69 -7.81 -2.59
CA TYR A 409 22.58 -6.71 -3.53
C TYR A 409 23.93 -6.44 -4.25
N SER A 410 25.02 -6.69 -3.53
CA SER A 410 26.33 -6.51 -4.12
C SER A 410 26.48 -7.52 -5.26
N ARG A 411 26.17 -8.78 -4.96
CA ARG A 411 26.39 -9.91 -5.87
C ARG A 411 25.36 -10.00 -7.03
N ALA A 412 24.08 -9.79 -6.73
CA ALA A 412 23.03 -9.89 -7.74
C ALA A 412 22.92 -8.69 -8.68
N VAL A 413 23.10 -7.49 -8.14
CA VAL A 413 22.78 -6.31 -8.94
C VAL A 413 23.99 -5.43 -9.27
N GLU A 414 24.83 -5.13 -8.31
CA GLU A 414 25.82 -4.10 -8.60
C GLU A 414 27.15 -4.64 -9.09
N GLU A 415 27.28 -5.97 -9.06
CA GLU A 415 28.55 -6.65 -9.33
C GLU A 415 29.44 -5.92 -10.34
N GLN A 416 30.66 -5.60 -9.91
CA GLN A 416 31.57 -4.71 -10.64
C GLN A 416 31.64 -4.95 -12.17
N GLY A 417 31.60 -3.85 -12.92
CA GLY A 417 31.83 -3.89 -14.37
C GLY A 417 33.32 -3.94 -14.69
N ASP A 418 34.10 -3.13 -13.97
CA ASP A 418 35.55 -3.01 -14.14
C ASP A 418 36.28 -3.05 -12.79
N ASP A 419 35.77 -2.29 -11.82
CA ASP A 419 36.44 -2.10 -10.53
C ASP A 419 35.60 -2.54 -9.33
N ALA A 420 36.17 -3.45 -8.53
CA ALA A 420 35.57 -3.93 -7.29
C ALA A 420 35.56 -2.84 -6.20
N SER A 421 36.76 -2.38 -5.80
CA SER A 421 36.99 -1.37 -4.74
C SER A 421 36.65 -1.82 -3.29
N ILE A 422 35.85 -2.88 -3.16
CA ILE A 422 35.38 -3.49 -1.89
C ILE A 422 36.54 -4.10 -1.07
N PRO A 423 36.59 -3.85 0.27
CA PRO A 423 37.58 -4.47 1.18
C PRO A 423 37.60 -5.99 1.12
N GLU A 424 38.81 -6.55 1.06
CA GLU A 424 39.03 -7.98 0.80
C GLU A 424 38.33 -8.96 1.76
N ALA A 425 38.26 -8.60 3.05
CA ALA A 425 37.65 -9.42 4.10
C ALA A 425 36.13 -9.40 3.96
N MET A 426 35.62 -8.23 3.56
CA MET A 426 34.21 -8.04 3.25
C MET A 426 33.88 -8.74 1.93
N LEU A 427 34.85 -8.77 1.03
CA LEU A 427 34.71 -9.39 -0.29
C LEU A 427 34.46 -10.90 -0.22
N SER A 428 35.15 -11.58 0.69
CA SER A 428 35.03 -13.03 0.80
C SER A 428 33.83 -13.39 1.68
N LYS A 429 33.44 -12.43 2.52
CA LYS A 429 32.23 -12.50 3.32
C LYS A 429 30.97 -12.55 2.41
N ILE A 430 30.93 -11.65 1.41
CA ILE A 430 29.93 -11.68 0.32
C ILE A 430 29.87 -13.08 -0.31
N GLN A 431 31.04 -13.63 -0.59
CA GLN A 431 31.13 -14.96 -1.17
C GLN A 431 30.49 -16.02 -0.28
N GLU A 432 30.82 -16.00 1.02
CA GLU A 432 30.24 -16.90 2.02
C GLU A 432 28.73 -16.72 2.12
N GLU A 433 28.28 -15.48 2.07
CA GLU A 433 26.88 -15.16 2.24
C GLU A 433 26.02 -15.57 1.05
N THR A 434 26.62 -15.65 -0.14
CA THR A 434 25.83 -15.76 -1.37
C THR A 434 26.19 -16.98 -2.20
N ARG A 435 27.07 -17.83 -1.68
CA ARG A 435 27.59 -18.98 -2.43
C ARG A 435 26.55 -20.06 -2.70
N HIS A 436 25.49 -20.06 -1.90
CA HIS A 436 24.42 -21.05 -2.00
C HIS A 436 23.47 -20.80 -3.18
N LEU A 437 23.63 -19.65 -3.83
CA LEU A 437 22.72 -19.20 -4.87
C LEU A 437 23.27 -19.44 -6.25
N GLN A 438 22.40 -19.77 -7.18
CA GLN A 438 22.86 -19.94 -8.53
C GLN A 438 22.65 -18.69 -9.33
N LEU A 439 23.29 -18.63 -10.48
CA LEU A 439 23.15 -17.52 -11.40
C LEU A 439 21.68 -17.15 -11.66
N ALA A 440 20.85 -18.14 -11.99
CA ALA A 440 19.42 -17.87 -12.30
C ALA A 440 18.71 -17.24 -11.12
N HIS A 441 19.12 -17.61 -9.91
CA HIS A 441 18.55 -17.05 -8.69
C HIS A 441 18.88 -15.57 -8.55
N LEU A 442 20.16 -15.25 -8.75
CA LEU A 442 20.62 -13.85 -8.71
C LEU A 442 19.89 -13.00 -9.72
N LYS A 443 19.73 -13.53 -10.92
CA LYS A 443 19.06 -12.83 -12.02
C LYS A 443 17.61 -12.58 -11.70
N TYR A 444 16.93 -13.58 -11.12
CA TYR A 444 15.53 -13.47 -10.80
C TYR A 444 15.33 -12.39 -9.75
N PHE A 445 16.13 -12.46 -8.70
CA PHE A 445 16.09 -11.48 -7.63
C PHE A 445 16.34 -10.08 -8.19
N SER A 446 17.32 -9.98 -9.05
CA SER A 446 17.66 -8.69 -9.59
C SER A 446 16.52 -8.12 -10.46
N LEU A 447 15.96 -8.95 -11.34
CA LEU A 447 14.88 -8.55 -12.20
C LEU A 447 13.64 -8.11 -11.40
N TRP A 448 13.23 -8.89 -10.40
CA TRP A 448 12.08 -8.49 -9.59
C TRP A 448 12.31 -7.23 -8.70
N CYS A 449 13.56 -6.98 -8.27
CA CYS A 449 13.86 -5.72 -7.58
C CYS A 449 13.68 -4.53 -8.49
N LEU A 450 14.24 -4.61 -9.69
CA LEU A 450 14.05 -3.57 -10.69
C LEU A 450 12.57 -3.31 -11.02
N MET A 451 11.80 -4.36 -11.33
CA MET A 451 10.40 -4.16 -11.76
C MET A 451 9.61 -3.54 -10.62
N LEU A 452 9.77 -4.09 -9.41
CA LEU A 452 9.12 -3.53 -8.23
C LEU A 452 9.47 -2.06 -8.00
N THR A 453 10.71 -1.68 -8.28
CA THR A 453 11.16 -0.30 -8.08
C THR A 453 10.54 0.60 -9.13
N LEU A 454 10.57 0.16 -10.38
CA LEU A 454 9.88 0.87 -11.42
C LEU A 454 8.43 1.11 -11.08
N GLU A 455 7.71 0.04 -10.69
CA GLU A 455 6.28 0.19 -10.38
C GLU A 455 6.07 1.11 -9.17
N SER A 456 6.84 0.87 -8.11
CA SER A 456 6.88 1.73 -6.94
C SER A 456 7.11 3.20 -7.30
N GLN A 457 8.08 3.46 -8.17
CA GLN A 457 8.42 4.85 -8.51
C GLN A 457 7.53 5.52 -9.52
N SER A 458 6.50 4.82 -10.02
CA SER A 458 5.56 5.35 -11.01
C SER A 458 4.77 6.54 -10.50
N LYS A 459 4.46 7.46 -11.42
CA LYS A 459 3.95 8.82 -11.10
C LYS A 459 2.75 8.85 -10.14
N ASP A 460 1.86 7.86 -10.29
CA ASP A 460 0.67 7.68 -9.44
C ASP A 460 0.99 7.36 -7.96
N ASN A 461 2.16 6.77 -7.72
CA ASN A 461 2.64 6.45 -6.37
C ASN A 461 3.56 7.51 -5.77
N ARG A 462 3.43 8.74 -6.29
CA ARG A 462 4.43 9.80 -6.06
C ARG A 462 3.90 11.14 -5.50
N LYS A 463 2.58 11.31 -5.42
CA LYS A 463 1.92 12.55 -4.96
C LYS A 463 2.38 12.94 -3.56
N THR A 464 2.55 14.24 -3.31
CA THR A 464 3.10 14.75 -2.04
C THR A 464 2.01 15.33 -1.13
N HIS A 465 2.38 15.64 0.12
CA HIS A 465 1.45 16.15 1.14
C HIS A 465 1.23 17.67 1.06
N GLN A 466 1.87 18.31 0.09
CA GLN A 466 1.82 19.77 -0.10
C GLN A 466 0.40 20.37 0.00
N SER A 467 -0.55 19.79 -0.74
CA SER A 467 -1.96 20.17 -0.73
C SER A 467 -2.57 20.30 0.67
N ILE A 468 -2.16 19.42 1.59
CA ILE A 468 -2.62 19.49 2.98
C ILE A 468 -2.01 20.69 3.71
N TRP A 469 -0.69 20.85 3.63
CA TRP A 469 -0.07 21.94 4.37
C TRP A 469 -0.04 23.30 3.68
N LEU A 470 -0.49 23.37 2.42
CA LEU A 470 -0.49 24.65 1.69
C LEU A 470 -1.88 25.20 1.34
N THR A 471 -2.62 24.53 0.45
CA THR A 471 -3.95 24.98 0.09
C THR A 471 -4.94 24.78 1.25
N PRO A 472 -5.85 25.76 1.48
CA PRO A 472 -6.90 25.56 2.50
C PRO A 472 -7.85 24.45 2.11
N ALA A 473 -8.43 23.80 3.13
CA ALA A 473 -9.45 22.76 2.95
C ALA A 473 -10.64 23.28 2.13
N SER A 474 -10.77 24.60 2.12
CA SER A 474 -11.65 25.36 1.20
C SER A 474 -11.62 24.88 -0.27
N GLU A 475 -10.43 24.78 -0.87
CA GLU A 475 -10.25 24.41 -2.30
C GLU A 475 -10.57 22.95 -2.64
N LEU A 476 -10.17 22.03 -1.77
CA LEU A 476 -10.29 20.60 -2.05
C LEU A 476 -11.62 20.02 -1.58
N GLU A 477 -12.46 20.84 -0.97
CA GLU A 477 -13.82 20.46 -0.63
C GLU A 477 -14.72 20.46 -1.87
N GLU A 478 -14.41 21.33 -2.82
CA GLU A 478 -15.04 21.29 -4.15
C GLU A 478 -14.45 20.17 -5.02
N SER A 479 -13.33 19.62 -4.55
CA SER A 479 -12.82 18.33 -4.99
C SER A 479 -13.42 17.23 -4.08
N GLY A 480 -13.24 15.96 -4.47
CA GLY A 480 -13.89 14.85 -3.77
C GLY A 480 -13.20 14.25 -2.55
N ASN A 481 -11.98 14.66 -2.24
CA ASN A 481 -11.14 13.95 -1.24
C ASN A 481 -10.88 14.59 0.14
N CYS A 482 -11.21 15.87 0.29
CA CYS A 482 -10.96 16.61 1.54
C CYS A 482 -12.23 17.17 2.19
N VAL A 483 -12.19 17.27 3.52
CA VAL A 483 -13.21 17.97 4.31
C VAL A 483 -12.48 18.91 5.27
N GLY A 484 -13.04 20.09 5.50
CA GLY A 484 -12.52 21.04 6.48
C GLY A 484 -13.60 21.58 7.38
N ASN A 485 -13.27 22.63 8.13
CA ASN A 485 -14.16 23.27 9.12
C ASN A 485 -14.83 22.24 10.04
N LEU A 486 -13.97 21.47 10.71
CA LEU A 486 -14.37 20.40 11.63
C LEU A 486 -14.09 20.80 13.07
N VAL A 487 -14.78 20.14 14.01
CA VAL A 487 -14.56 20.37 15.43
C VAL A 487 -14.99 19.16 16.28
N ARG A 488 -14.40 19.03 17.46
CA ARG A 488 -14.77 18.02 18.45
C ARG A 488 -15.09 18.66 19.81
N THR A 489 -16.10 18.10 20.46
CA THR A 489 -16.52 18.55 21.80
C THR A 489 -16.64 17.37 22.76
N GLU A 490 -17.02 16.22 22.21
CA GLU A 490 -17.24 14.98 22.95
C GLU A 490 -15.98 14.40 23.57
N PRO A 491 -16.15 13.56 24.61
CA PRO A 491 -15.01 12.78 25.12
C PRO A 491 -14.48 11.83 24.07
N VAL A 492 -13.16 11.63 24.08
CA VAL A 492 -12.48 10.72 23.19
C VAL A 492 -12.50 9.33 23.84
N SER A 493 -13.34 8.44 23.31
CA SER A 493 -13.39 7.05 23.77
C SER A 493 -12.32 6.22 23.07
N ARG A 494 -11.90 5.13 23.73
CA ARG A 494 -10.78 4.31 23.30
C ARG A 494 -11.19 2.83 23.17
N VAL A 495 -10.80 2.19 22.06
CA VAL A 495 -11.02 0.74 21.84
C VAL A 495 -9.82 -0.07 22.41
N CYS A 496 -8.62 0.31 21.99
CA CYS A 496 -7.33 -0.05 22.61
C CYS A 496 -6.29 0.93 22.09
N ASP A 497 -5.45 1.46 23.00
CA ASP A 497 -4.49 2.55 22.67
C ASP A 497 -3.72 2.34 21.35
N GLY A 498 -3.89 3.30 20.44
CA GLY A 498 -3.60 3.12 19.00
C GLY A 498 -4.91 3.17 18.22
N GLN A 499 -6.01 3.16 18.97
CA GLN A 499 -7.37 3.41 18.48
C GLN A 499 -8.07 4.32 19.48
N TYR A 500 -8.50 5.48 19.00
CA TYR A 500 -9.26 6.45 19.78
C TYR A 500 -10.35 7.01 18.88
N LEU A 501 -11.60 6.81 19.28
CA LEU A 501 -12.75 7.31 18.51
C LEU A 501 -12.95 8.81 18.73
N HIS A 502 -13.05 9.53 17.62
CA HIS A 502 -13.24 10.97 17.61
C HIS A 502 -14.45 11.35 16.77
N ASN A 503 -15.30 12.18 17.35
CA ASN A 503 -16.48 12.70 16.67
C ASN A 503 -16.26 14.14 16.16
N PHE A 504 -16.48 14.33 14.87
CA PHE A 504 -16.26 15.63 14.22
C PHE A 504 -17.55 16.17 13.59
N GLN A 505 -18.10 17.24 14.16
CA GLN A 505 -19.20 17.99 13.52
C GLN A 505 -18.68 19.23 12.77
N ARG A 506 -19.56 19.78 11.93
CA ARG A 506 -19.24 20.88 11.02
C ARG A 506 -19.32 22.27 11.67
N LYS A 507 -20.23 22.43 12.64
CA LYS A 507 -20.64 23.73 13.24
C LYS A 507 -20.66 24.89 12.24
N ASN A 508 -21.49 24.68 11.21
CA ASN A 508 -21.60 25.50 10.00
C ASN A 508 -22.50 24.68 9.07
N GLY A 509 -22.69 25.16 7.84
CA GLY A 509 -23.45 24.44 6.81
C GLY A 509 -22.88 23.03 6.60
N PRO A 510 -23.72 21.98 6.83
CA PRO A 510 -23.24 20.59 6.82
C PRO A 510 -22.63 20.20 5.47
N MET A 511 -21.35 19.86 5.48
CA MET A 511 -20.64 19.52 4.25
C MET A 511 -20.24 18.04 4.24
N PRO A 512 -21.12 17.15 3.73
CA PRO A 512 -20.70 15.80 3.39
C PRO A 512 -20.47 15.59 1.88
N ALA A 513 -20.57 16.66 1.08
CA ALA A 513 -20.41 16.60 -0.37
C ALA A 513 -18.94 16.35 -0.73
N THR A 514 -18.57 15.07 -0.62
CA THR A 514 -17.21 14.58 -0.79
C THR A 514 -17.24 13.06 -1.05
N ASN A 515 -16.27 12.61 -1.83
CA ASN A 515 -16.05 11.19 -2.09
C ASN A 515 -15.14 10.58 -1.00
N LEU A 516 -15.77 10.10 0.07
CA LEU A 516 -15.04 9.50 1.20
C LEU A 516 -15.84 8.43 1.96
N MET A 517 -15.68 7.18 1.52
CA MET A 517 -16.33 6.00 2.11
C MET A 517 -15.66 5.55 3.42
N ALA A 518 -16.41 4.79 4.24
CA ALA A 518 -15.91 4.22 5.51
C ALA A 518 -14.78 3.21 5.30
N GLY A 519 -13.87 3.14 6.27
CA GLY A 519 -12.68 2.31 6.17
C GLY A 519 -11.55 2.94 5.38
N ASP A 520 -11.71 4.22 5.00
CA ASP A 520 -10.69 4.98 4.25
C ASP A 520 -9.60 5.56 5.16
N ARG A 521 -8.35 5.22 4.82
CA ARG A 521 -7.18 5.76 5.47
C ARG A 521 -7.14 7.27 5.30
N ILE A 522 -6.97 7.98 6.41
CA ILE A 522 -7.02 9.44 6.45
C ILE A 522 -5.99 10.07 7.37
N ILE A 523 -5.67 11.32 7.07
CA ILE A 523 -4.75 12.11 7.88
C ILE A 523 -5.49 13.33 8.43
N LEU A 524 -5.63 13.35 9.76
CA LEU A 524 -6.14 14.52 10.47
C LEU A 524 -5.06 15.53 10.77
N SER A 525 -5.30 16.75 10.29
CA SER A 525 -4.54 17.92 10.68
C SER A 525 -5.50 18.95 11.26
N GLY A 526 -4.96 19.87 12.05
CA GLY A 526 -5.62 21.16 12.26
C GLY A 526 -5.47 22.00 11.00
N GLU A 527 -6.42 22.90 10.76
CA GLU A 527 -6.34 23.82 9.63
C GLU A 527 -5.21 24.85 9.82
N GLU A 528 -4.89 25.15 11.08
CA GLU A 528 -3.67 25.89 11.45
C GLU A 528 -2.46 25.10 10.96
N ARG A 529 -1.52 25.81 10.32
CA ARG A 529 -0.34 25.16 9.72
C ARG A 529 0.52 24.46 10.77
N LYS A 530 0.63 25.05 11.95
CA LYS A 530 1.39 24.48 13.07
C LYS A 530 0.80 23.19 13.66
N LEU A 531 -0.32 22.75 13.11
CA LEU A 531 -1.00 21.52 13.56
C LEU A 531 -1.23 20.50 12.44
N PHE A 532 -0.31 20.51 11.49
CA PHE A 532 -0.24 19.56 10.38
C PHE A 532 0.14 18.14 10.88
N ALA A 533 -0.50 17.14 10.28
CA ALA A 533 -0.18 15.71 10.52
C ALA A 533 -0.25 15.25 11.97
N LEU A 534 -1.35 15.60 12.63
CA LEU A 534 -1.59 15.16 14.02
C LEU A 534 -1.73 13.65 14.13
N SER A 535 -2.60 13.04 13.34
CA SER A 535 -2.88 11.61 13.45
C SER A 535 -3.31 10.93 12.15
N LYS A 536 -2.82 9.72 11.95
CA LYS A 536 -3.32 8.84 10.91
C LYS A 536 -4.49 8.03 11.49
N GLY A 537 -5.18 7.29 10.63
CA GLY A 537 -6.27 6.40 11.05
C GLY A 537 -7.29 6.14 9.96
N TYR A 538 -8.34 5.38 10.31
CA TYR A 538 -9.43 5.15 9.37
C TYR A 538 -10.75 5.76 9.86
N VAL A 539 -11.65 6.01 8.91
CA VAL A 539 -13.01 6.51 9.18
C VAL A 539 -14.00 5.36 9.38
N LYS A 540 -14.72 5.35 10.50
CA LYS A 540 -15.72 4.30 10.73
C LYS A 540 -17.11 4.66 10.20
N LYS A 541 -17.66 5.81 10.61
CA LYS A 541 -19.00 6.25 10.17
C LYS A 541 -18.97 7.60 9.47
N MET A 542 -19.90 7.78 8.54
CA MET A 542 -19.94 8.94 7.65
C MET A 542 -21.37 9.51 7.54
N ASN A 543 -21.82 10.12 8.63
CA ASN A 543 -23.14 10.77 8.69
C ASN A 543 -23.16 12.07 7.88
N LYS A 544 -24.35 12.60 7.61
CA LYS A 544 -24.48 13.91 6.95
C LYS A 544 -24.25 15.08 7.92
N ALA A 545 -24.40 14.81 9.22
CA ALA A 545 -24.22 15.80 10.28
C ALA A 545 -22.77 15.82 10.80
N ALA A 546 -22.23 14.62 11.03
CA ALA A 546 -20.89 14.45 11.60
C ALA A 546 -20.10 13.35 10.88
N VAL A 547 -18.82 13.21 11.23
CA VAL A 547 -17.94 12.15 10.69
C VAL A 547 -17.09 11.58 11.83
N THR A 548 -17.14 10.26 12.02
CA THR A 548 -16.40 9.59 13.12
C THR A 548 -15.24 8.71 12.63
N CYS A 549 -14.05 8.96 13.19
CA CYS A 549 -12.83 8.25 12.82
C CYS A 549 -12.19 7.58 14.02
N LEU A 550 -11.54 6.45 13.76
CA LEU A 550 -10.61 5.84 14.73
C LEU A 550 -9.19 6.27 14.41
N LEU A 551 -8.61 7.00 15.36
CA LEU A 551 -7.28 7.59 15.23
C LEU A 551 -6.34 7.04 16.26
N ASP A 552 -5.05 7.00 15.91
CA ASP A 552 -4.02 6.42 16.76
C ASP A 552 -3.65 7.27 17.99
N ARG A 553 -3.99 8.56 17.96
CA ARG A 553 -3.69 9.46 19.07
C ARG A 553 -4.91 10.03 19.79
N ASN A 554 -4.75 10.29 21.08
CA ASN A 554 -5.77 10.91 21.90
C ASN A 554 -5.57 12.42 21.90
N LEU A 555 -6.49 13.13 21.27
CA LEU A 555 -6.28 14.54 20.93
C LEU A 555 -6.99 15.51 21.86
N SER A 556 -7.26 15.07 23.09
CA SER A 556 -7.95 15.90 24.08
C SER A 556 -7.10 17.03 24.67
N THR A 557 -5.77 16.92 24.53
CA THR A 557 -4.80 17.97 24.95
C THR A 557 -5.11 19.30 24.26
N LEU A 558 -5.49 19.20 22.99
CA LEU A 558 -5.88 20.34 22.15
C LEU A 558 -7.16 20.97 22.68
N PRO A 559 -7.26 22.32 22.62
CA PRO A 559 -8.48 22.99 23.05
C PRO A 559 -9.64 22.71 22.12
N ALA A 560 -10.87 22.74 22.65
CA ALA A 560 -12.08 22.60 21.83
C ALA A 560 -12.15 23.63 20.69
N THR A 561 -11.48 24.77 20.88
CA THR A 561 -11.42 25.88 19.92
C THR A 561 -10.82 25.56 18.53
N THR A 562 -9.96 24.54 18.46
CA THR A 562 -9.23 24.22 17.24
C THR A 562 -10.12 23.63 16.13
N VAL A 563 -9.81 24.01 14.90
CA VAL A 563 -10.57 23.58 13.71
C VAL A 563 -9.76 22.56 12.90
N PHE A 564 -10.39 21.42 12.63
CA PHE A 564 -9.72 20.28 12.01
C PHE A 564 -10.04 20.11 10.53
N ARG A 565 -9.21 19.32 9.84
CA ARG A 565 -9.44 18.95 8.43
C ARG A 565 -9.07 17.50 8.13
N LEU A 566 -9.91 16.83 7.35
CA LEU A 566 -9.65 15.45 6.93
C LEU A 566 -9.12 15.39 5.51
N ASP A 567 -8.11 14.56 5.32
CA ASP A 567 -7.47 14.38 4.02
C ASP A 567 -7.13 12.90 3.86
N ARG A 568 -7.33 12.36 2.66
CA ARG A 568 -7.10 10.93 2.38
C ARG A 568 -5.60 10.63 2.31
N GLU A 569 -5.21 9.45 2.80
CA GLU A 569 -3.87 8.95 2.53
C GLU A 569 -3.84 8.29 1.15
N GLU A 570 -3.14 8.95 0.25
CA GLU A 570 -2.98 8.50 -1.12
C GLU A 570 -1.95 7.38 -1.21
N ARG A 571 -2.05 6.60 -2.29
CA ARG A 571 -1.12 5.53 -2.64
C ARG A 571 0.31 6.07 -2.70
N HIS A 572 1.06 5.86 -1.62
CA HIS A 572 2.50 5.82 -1.74
C HIS A 572 2.74 4.33 -2.07
N GLY A 573 3.62 4.06 -3.01
CA GLY A 573 3.75 2.72 -3.59
C GLY A 573 4.64 1.78 -2.81
N ASP A 574 4.16 1.29 -1.66
CA ASP A 574 4.88 0.40 -0.74
C ASP A 574 5.17 -1.00 -1.33
N ILE A 575 6.44 -1.39 -1.30
CA ILE A 575 6.90 -2.64 -1.89
C ILE A 575 7.69 -3.47 -0.90
N SER A 576 7.66 -3.08 0.36
CA SER A 576 8.44 -3.78 1.35
C SER A 576 8.02 -5.23 1.59
N THR A 577 6.73 -5.56 1.53
CA THR A 577 6.38 -6.96 1.64
C THR A 577 6.97 -7.81 0.49
N PRO A 578 6.66 -7.48 -0.80
CA PRO A 578 7.27 -8.31 -1.85
C PRO A 578 8.82 -8.30 -1.82
N LEU A 579 9.45 -7.18 -1.44
CA LEU A 579 10.92 -7.17 -1.33
C LEU A 579 11.40 -8.12 -0.25
N GLY A 580 10.69 -8.11 0.88
CA GLY A 580 10.93 -9.04 1.98
C GLY A 580 10.80 -10.48 1.52
N ASN A 581 9.76 -10.78 0.76
CA ASN A 581 9.55 -12.11 0.20
C ASN A 581 10.71 -12.58 -0.69
N LEU A 582 11.19 -11.69 -1.56
CA LEU A 582 12.32 -11.98 -2.45
C LEU A 582 13.61 -12.23 -1.71
N SER A 583 13.86 -11.40 -0.70
CA SER A 583 15.00 -11.57 0.18
C SER A 583 14.94 -12.90 0.90
N LYS A 584 13.77 -13.26 1.39
CA LYS A 584 13.58 -14.51 2.09
C LYS A 584 13.77 -15.71 1.13
N LEU A 585 13.38 -15.54 -0.13
CA LEU A 585 13.56 -16.56 -1.13
C LEU A 585 15.07 -16.82 -1.40
N MET A 586 15.90 -15.80 -1.21
CA MET A 586 17.33 -15.92 -1.42
C MET A 586 18.13 -16.49 -0.24
N GLU A 587 17.48 -16.72 0.89
CA GLU A 587 18.14 -17.21 2.10
C GLU A 587 18.60 -18.65 1.93
N SER A 588 19.59 -19.03 2.74
CA SER A 588 20.17 -20.36 2.66
C SER A 588 19.54 -21.28 3.69
N THR A 589 18.29 -21.63 3.44
CA THR A 589 17.59 -22.62 4.24
C THR A 589 17.02 -23.63 3.24
N ASP A 590 16.70 -24.85 3.66
CA ASP A 590 16.10 -25.86 2.74
C ASP A 590 14.73 -25.42 2.18
N PRO A 591 13.84 -24.85 3.04
CA PRO A 591 12.57 -24.41 2.44
C PRO A 591 12.74 -23.36 1.32
N SER A 592 13.67 -22.42 1.48
CA SER A 592 13.92 -21.43 0.43
C SER A 592 14.55 -22.01 -0.82
N LYS A 593 15.52 -22.89 -0.64
CA LYS A 593 16.15 -23.63 -1.72
C LYS A 593 15.09 -24.35 -2.56
N ARG A 594 14.18 -25.06 -1.90
CA ARG A 594 13.16 -25.84 -2.58
C ARG A 594 12.26 -24.88 -3.39
N LEU A 595 11.83 -23.76 -2.79
CA LEU A 595 11.05 -22.79 -3.56
C LEU A 595 11.81 -22.19 -4.79
N ARG A 596 13.10 -21.88 -4.61
CA ARG A 596 13.95 -21.39 -5.74
C ARG A 596 13.97 -22.41 -6.84
N GLU A 597 14.04 -23.68 -6.47
CA GLU A 597 14.14 -24.74 -7.48
C GLU A 597 12.85 -24.94 -8.23
N LEU A 598 11.74 -24.92 -7.49
CA LEU A 598 10.42 -25.01 -8.11
C LEU A 598 10.03 -23.74 -8.90
N ILE A 599 10.20 -22.56 -8.28
CA ILE A 599 9.77 -21.32 -8.93
C ILE A 599 10.80 -20.74 -9.91
N ILE A 600 12.04 -20.64 -9.52
CA ILE A 600 13.06 -20.00 -10.41
C ILE A 600 13.57 -20.99 -11.45
N ASP A 601 13.93 -22.21 -11.04
CA ASP A 601 14.50 -23.20 -11.97
C ASP A 601 13.48 -24.16 -12.57
N PHE A 602 12.21 -23.97 -12.25
CA PHE A 602 11.09 -24.75 -12.82
C PHE A 602 11.23 -26.26 -12.69
N ARG A 603 11.80 -26.73 -11.59
CA ARG A 603 11.87 -28.15 -11.29
C ARG A 603 10.49 -28.80 -11.33
N GLU A 604 10.39 -29.89 -12.08
CA GLU A 604 9.14 -30.57 -12.32
C GLU A 604 8.47 -31.00 -10.99
N PRO A 605 7.25 -30.52 -10.73
CA PRO A 605 6.50 -30.96 -9.55
C PRO A 605 6.18 -32.46 -9.65
N GLN A 606 6.30 -33.19 -8.53
CA GLN A 606 6.11 -34.62 -8.49
C GLN A 606 4.70 -35.03 -7.97
N PHE A 607 4.25 -36.21 -8.39
CA PHE A 607 2.96 -36.81 -8.00
C PHE A 607 3.11 -38.32 -7.92
N ILE A 608 2.52 -38.95 -6.92
CA ILE A 608 2.57 -40.42 -6.87
C ILE A 608 1.33 -40.96 -7.55
N ALA A 609 1.34 -42.25 -7.92
CA ALA A 609 0.14 -43.01 -8.37
C ALA A 609 -0.78 -43.28 -7.19
N TYR A 610 -2.09 -43.33 -7.41
CA TYR A 610 -3.05 -43.51 -6.33
C TYR A 610 -2.91 -44.90 -5.74
N LEU A 611 -3.13 -45.03 -4.43
CA LEU A 611 -3.11 -46.32 -3.72
C LEU A 611 -4.07 -46.21 -2.54
N SER A 612 -4.67 -47.35 -2.11
CA SER A 612 -5.51 -47.38 -0.89
C SER A 612 -4.99 -46.55 0.27
N SER A 613 -3.68 -46.60 0.49
CA SER A 613 -3.09 -46.01 1.66
C SER A 613 -2.70 -44.57 1.53
N VAL A 614 -3.11 -43.92 0.43
CA VAL A 614 -2.81 -42.51 0.30
C VAL A 614 -3.43 -41.67 1.42
N LEU A 615 -4.67 -41.98 1.79
CA LEU A 615 -5.33 -41.26 2.88
C LEU A 615 -5.34 -42.14 4.09
N PRO A 616 -5.21 -41.53 5.31
CA PRO A 616 -5.38 -42.32 6.56
C PRO A 616 -6.69 -43.12 6.51
N HIS A 617 -6.63 -44.40 6.86
CA HIS A 617 -7.79 -45.26 6.72
C HIS A 617 -9.11 -44.69 7.26
N ASP A 618 -9.05 -44.07 8.42
CA ASP A 618 -10.22 -43.59 9.12
C ASP A 618 -10.84 -42.34 8.51
N ALA A 619 -10.22 -41.79 7.47
CA ALA A 619 -10.70 -40.58 6.81
C ALA A 619 -11.42 -40.92 5.55
N LYS A 620 -11.16 -42.12 5.02
CA LYS A 620 -11.58 -42.51 3.66
C LYS A 620 -13.08 -42.30 3.42
N ASP A 621 -13.91 -42.71 4.36
CA ASP A 621 -15.34 -42.62 4.15
C ASP A 621 -15.86 -41.16 4.13
N THR A 622 -15.39 -40.36 5.07
CA THR A 622 -15.73 -38.94 5.14
C THR A 622 -15.36 -38.23 3.82
N VAL A 623 -14.15 -38.50 3.32
CA VAL A 623 -13.69 -37.97 2.04
C VAL A 623 -14.56 -38.43 0.87
N ALA A 624 -14.97 -39.69 0.90
CA ALA A 624 -15.85 -40.22 -0.14
C ALA A 624 -17.14 -39.43 -0.20
N ASN A 625 -17.74 -39.16 0.96
CA ASN A 625 -18.99 -38.38 0.98
C ASN A 625 -18.83 -36.97 0.45
N ILE A 626 -17.67 -36.37 0.67
CA ILE A 626 -17.39 -35.07 0.09
C ILE A 626 -17.27 -35.14 -1.43
N LEU A 627 -16.42 -36.06 -1.91
CA LEU A 627 -16.21 -36.28 -3.34
C LEU A 627 -17.49 -36.53 -4.13
N LYS A 628 -18.44 -37.28 -3.56
CA LYS A 628 -19.68 -37.64 -4.27
C LYS A 628 -20.42 -36.39 -4.70
N GLY A 629 -20.47 -35.37 -3.84
CA GLY A 629 -21.04 -34.08 -4.22
C GLY A 629 -20.40 -33.33 -5.40
N LEU A 630 -19.18 -33.69 -5.77
CA LEU A 630 -18.45 -32.93 -6.77
C LEU A 630 -18.65 -33.48 -8.17
N ASN A 631 -18.47 -32.61 -9.17
CA ASN A 631 -18.41 -33.09 -10.56
C ASN A 631 -17.01 -33.69 -10.83
N LYS A 632 -16.84 -34.34 -11.98
CA LYS A 632 -15.60 -35.07 -12.32
C LYS A 632 -14.33 -34.19 -12.32
N PRO A 633 -14.33 -33.05 -13.06
CA PRO A 633 -13.13 -32.19 -12.96
C PRO A 633 -12.81 -31.75 -11.53
N GLN A 634 -13.84 -31.47 -10.74
CA GLN A 634 -13.65 -31.11 -9.35
C GLN A 634 -12.97 -32.21 -8.54
N ARG A 635 -13.41 -33.45 -8.76
CA ARG A 635 -12.86 -34.60 -8.07
C ARG A 635 -11.42 -34.81 -8.47
N GLN A 636 -11.15 -34.51 -9.73
CA GLN A 636 -9.87 -34.72 -10.34
C GLN A 636 -8.88 -33.74 -9.72
N ALA A 637 -9.38 -32.55 -9.37
CA ALA A 637 -8.57 -31.55 -8.69
C ALA A 637 -8.23 -32.00 -7.26
N MET A 638 -9.20 -32.62 -6.56
CA MET A 638 -8.93 -33.12 -5.21
C MET A 638 -7.87 -34.19 -5.26
N LYS A 639 -7.99 -35.09 -6.23
CA LYS A 639 -7.09 -36.21 -6.42
C LYS A 639 -5.65 -35.71 -6.67
N ARG A 640 -5.49 -34.75 -7.57
CA ARG A 640 -4.17 -34.21 -7.90
C ARG A 640 -3.46 -33.66 -6.67
N VAL A 641 -4.21 -32.92 -5.84
CA VAL A 641 -3.68 -32.36 -4.60
C VAL A 641 -3.20 -33.48 -3.66
N LEU A 642 -4.05 -34.49 -3.46
CA LEU A 642 -3.72 -35.59 -2.56
C LEU A 642 -2.49 -36.40 -3.02
N LEU A 643 -2.23 -36.38 -4.32
CA LEU A 643 -1.12 -37.15 -4.88
C LEU A 643 0.17 -36.33 -5.03
N SER A 644 0.09 -35.02 -4.79
CA SER A 644 1.22 -34.12 -5.03
C SER A 644 2.33 -34.25 -3.99
N LYS A 645 3.56 -33.95 -4.38
CA LYS A 645 4.68 -33.75 -3.42
C LYS A 645 5.12 -32.29 -3.38
N ASP A 646 4.57 -31.49 -4.29
CA ASP A 646 5.01 -30.09 -4.45
C ASP A 646 3.85 -29.08 -4.51
N TYR A 647 3.25 -28.92 -5.69
CA TYR A 647 2.12 -28.03 -5.84
C TYR A 647 1.08 -28.55 -6.83
N THR A 648 -0.04 -27.85 -6.93
CA THR A 648 -1.13 -28.17 -7.80
C THR A 648 -1.68 -26.84 -8.24
N LEU A 649 -2.09 -26.77 -9.51
CA LEU A 649 -2.66 -25.59 -10.11
C LEU A 649 -4.09 -25.92 -10.55
N ILE A 650 -5.06 -25.30 -9.92
CA ILE A 650 -6.43 -25.54 -10.27
C ILE A 650 -6.88 -24.34 -11.07
N VAL A 651 -7.36 -24.61 -12.29
CA VAL A 651 -7.80 -23.57 -13.20
C VAL A 651 -9.31 -23.42 -13.00
N GLY A 652 -9.72 -22.32 -12.37
CA GLY A 652 -11.13 -22.08 -12.10
C GLY A 652 -11.68 -21.20 -13.20
N MET A 653 -12.17 -21.80 -14.26
CA MET A 653 -12.76 -21.01 -15.34
C MET A 653 -14.08 -20.39 -14.81
N PRO A 654 -14.59 -19.31 -15.45
CA PRO A 654 -15.73 -18.56 -14.90
C PRO A 654 -16.98 -19.40 -14.66
N GLY A 655 -17.55 -19.31 -13.47
CA GLY A 655 -18.80 -20.00 -13.14
C GLY A 655 -18.60 -21.44 -12.70
N THR A 656 -17.34 -21.87 -12.59
CA THR A 656 -17.04 -23.26 -12.21
C THR A 656 -17.06 -23.55 -10.69
N GLY A 657 -17.36 -22.55 -9.88
CA GLY A 657 -17.59 -22.77 -8.46
C GLY A 657 -16.27 -22.92 -7.72
N LYS A 658 -15.46 -21.87 -7.84
CA LYS A 658 -14.17 -21.72 -7.22
C LYS A 658 -14.33 -21.92 -5.71
N THR A 659 -15.29 -21.21 -5.11
CA THR A 659 -15.38 -21.21 -3.67
C THR A 659 -15.90 -22.55 -3.17
N THR A 660 -16.82 -23.16 -3.91
CA THR A 660 -17.31 -24.52 -3.63
C THR A 660 -16.16 -25.53 -3.66
N THR A 661 -15.26 -25.36 -4.61
CA THR A 661 -14.19 -26.32 -4.85
C THR A 661 -13.11 -26.22 -3.77
N ILE A 662 -12.82 -25.00 -3.32
CA ILE A 662 -11.79 -24.81 -2.32
C ILE A 662 -12.31 -25.27 -0.98
N CYS A 663 -13.57 -24.88 -0.69
CA CYS A 663 -14.25 -25.35 0.52
C CYS A 663 -14.20 -26.90 0.63
N ALA A 664 -14.59 -27.59 -0.43
CA ALA A 664 -14.51 -29.06 -0.51
C ALA A 664 -13.08 -29.59 -0.27
N LEU A 665 -12.07 -28.98 -0.93
CA LEU A 665 -10.68 -29.39 -0.71
C LEU A 665 -10.30 -29.21 0.75
N VAL A 666 -10.65 -28.05 1.31
CA VAL A 666 -10.34 -27.78 2.72
C VAL A 666 -10.99 -28.86 3.60
N ARG A 667 -12.24 -29.23 3.33
CA ARG A 667 -12.88 -30.32 4.08
C ARG A 667 -12.12 -31.64 3.98
N ILE A 668 -11.66 -31.97 2.77
CA ILE A 668 -10.96 -33.22 2.54
C ILE A 668 -9.65 -33.19 3.33
N LEU A 669 -8.87 -32.12 3.16
CA LEU A 669 -7.60 -31.96 3.89
C LEU A 669 -7.74 -32.02 5.41
N SER A 670 -8.75 -31.31 5.92
CA SER A 670 -9.09 -31.31 7.34
C SER A 670 -9.46 -32.72 7.87
N ALA A 671 -10.39 -33.42 7.19
CA ALA A 671 -10.71 -34.83 7.49
C ALA A 671 -9.46 -35.69 7.49
N CYS A 672 -8.47 -35.38 6.62
CA CYS A 672 -7.25 -36.17 6.54
C CYS A 672 -6.31 -35.80 7.67
N GLY A 673 -6.66 -34.78 8.46
CA GLY A 673 -5.79 -34.33 9.54
C GLY A 673 -4.57 -33.51 9.14
N PHE A 674 -4.64 -32.85 7.99
CA PHE A 674 -3.58 -31.95 7.57
C PHE A 674 -3.86 -30.59 8.20
N SER A 675 -2.83 -29.78 8.38
CA SER A 675 -3.03 -28.37 8.70
C SER A 675 -2.98 -27.60 7.40
N VAL A 676 -3.78 -26.53 7.33
CA VAL A 676 -4.02 -25.78 6.08
C VAL A 676 -3.95 -24.28 6.34
N LEU A 677 -3.19 -23.60 5.50
CA LEU A 677 -3.11 -22.14 5.49
C LEU A 677 -3.87 -21.67 4.27
N LEU A 678 -4.98 -21.00 4.53
CA LEU A 678 -5.91 -20.58 3.50
C LEU A 678 -5.77 -19.09 3.21
N THR A 679 -5.41 -18.75 1.96
CA THR A 679 -5.12 -17.34 1.67
C THR A 679 -5.74 -16.90 0.36
N SER A 680 -5.78 -15.59 0.17
CA SER A 680 -6.04 -14.95 -1.12
C SER A 680 -5.53 -13.55 -0.99
N TYR A 681 -5.61 -12.77 -2.06
CA TYR A 681 -5.25 -11.37 -1.95
C TYR A 681 -6.30 -10.57 -1.21
N THR A 682 -7.57 -10.76 -1.53
CA THR A 682 -8.61 -9.95 -0.89
C THR A 682 -9.29 -10.64 0.27
N HIS A 683 -9.75 -9.81 1.19
CA HIS A 683 -10.56 -10.21 2.33
C HIS A 683 -11.79 -10.98 1.93
N SER A 684 -12.53 -10.50 0.92
CA SER A 684 -13.83 -11.09 0.62
C SER A 684 -13.73 -12.43 -0.10
N ALA A 685 -12.63 -12.64 -0.82
CA ALA A 685 -12.39 -13.93 -1.41
C ALA A 685 -12.18 -14.99 -0.31
N VAL A 686 -11.20 -14.76 0.57
CA VAL A 686 -10.99 -15.65 1.72
C VAL A 686 -12.29 -15.78 2.56
N ASP A 687 -12.94 -14.65 2.84
CA ASP A 687 -14.19 -14.72 3.60
C ASP A 687 -15.29 -15.55 2.92
N ASN A 688 -15.32 -15.54 1.57
CA ASN A 688 -16.34 -16.30 0.83
C ASN A 688 -16.22 -17.80 1.05
N ILE A 689 -14.97 -18.29 1.07
CA ILE A 689 -14.70 -19.70 1.34
C ILE A 689 -15.10 -20.05 2.77
N LEU A 690 -14.84 -19.13 3.69
CA LEU A 690 -15.06 -19.35 5.12
C LEU A 690 -16.55 -19.42 5.45
N LEU A 691 -17.36 -18.62 4.78
CA LEU A 691 -18.80 -18.69 4.94
C LEU A 691 -19.29 -20.10 4.63
N LYS A 692 -18.79 -20.70 3.53
CA LYS A 692 -19.15 -22.10 3.23
C LYS A 692 -18.66 -23.07 4.28
N LEU A 693 -17.39 -22.94 4.68
CA LEU A 693 -16.84 -23.82 5.70
C LEU A 693 -17.55 -23.72 7.05
N ALA A 694 -18.03 -22.51 7.38
CA ALA A 694 -18.80 -22.31 8.60
C ALA A 694 -20.08 -23.13 8.51
N LYS A 695 -20.74 -23.12 7.35
CA LYS A 695 -21.95 -23.93 7.16
C LYS A 695 -21.71 -25.43 7.34
N PHE A 696 -20.49 -25.90 7.05
CA PHE A 696 -20.15 -27.31 7.22
C PHE A 696 -19.58 -27.59 8.61
N LYS A 697 -19.64 -26.62 9.51
CA LYS A 697 -19.15 -26.77 10.90
C LYS A 697 -17.67 -27.20 10.93
N VAL A 698 -16.89 -26.68 9.99
CA VAL A 698 -15.44 -26.87 10.01
C VAL A 698 -14.82 -25.67 10.74
N GLY A 699 -14.02 -25.95 11.74
CA GLY A 699 -13.37 -24.92 12.54
C GLY A 699 -12.15 -24.35 11.82
N PHE A 700 -11.96 -23.06 12.01
CA PHE A 700 -10.81 -22.31 11.47
C PHE A 700 -10.58 -21.08 12.34
N LEU A 701 -9.35 -20.56 12.28
CA LEU A 701 -9.06 -19.28 12.87
C LEU A 701 -8.83 -18.24 11.79
N ARG A 702 -9.42 -17.06 11.95
CA ARG A 702 -9.23 -15.98 11.01
C ARG A 702 -8.36 -14.89 11.60
N LEU A 703 -7.26 -14.58 10.93
CA LEU A 703 -6.37 -13.49 11.31
C LEU A 703 -6.76 -12.23 10.57
N GLY A 704 -6.26 -11.10 11.00
CA GLY A 704 -6.60 -9.83 10.37
C GLY A 704 -7.46 -8.95 11.26
N GLN A 705 -7.51 -7.67 10.92
CA GLN A 705 -8.32 -6.70 11.64
C GLN A 705 -9.80 -6.96 11.38
N SER A 706 -10.57 -7.02 12.45
CA SER A 706 -11.93 -7.53 12.34
C SER A 706 -12.86 -6.66 11.50
N HIS A 707 -12.58 -5.34 11.43
CA HIS A 707 -13.38 -4.42 10.60
C HIS A 707 -13.23 -4.65 9.07
N LYS A 708 -12.14 -5.30 8.66
CA LYS A 708 -11.92 -5.67 7.26
C LYS A 708 -12.64 -6.97 6.88
N VAL A 709 -13.14 -7.68 7.88
CA VAL A 709 -13.67 -9.03 7.76
C VAL A 709 -15.22 -9.04 7.64
N HIS A 710 -15.74 -9.97 6.83
CA HIS A 710 -17.17 -10.20 6.72
C HIS A 710 -17.84 -10.33 8.10
N PRO A 711 -19.00 -9.62 8.30
CA PRO A 711 -19.74 -9.60 9.57
C PRO A 711 -20.00 -10.99 10.11
N ASP A 712 -20.35 -11.92 9.24
CA ASP A 712 -20.61 -13.27 9.72
C ASP A 712 -19.35 -14.08 9.97
N ILE A 713 -18.17 -13.53 9.68
CA ILE A 713 -16.90 -14.21 9.96
C ILE A 713 -16.21 -13.60 11.18
N GLN A 714 -16.61 -12.39 11.56
CA GLN A 714 -15.97 -11.66 12.66
C GLN A 714 -15.79 -12.43 13.99
N LYS A 715 -16.79 -13.21 14.36
CA LYS A 715 -16.71 -14.06 15.57
C LYS A 715 -15.61 -15.13 15.52
N PHE A 716 -15.02 -15.34 14.35
CA PHE A 716 -14.02 -16.36 14.15
C PHE A 716 -12.63 -15.76 14.20
N THR A 717 -12.57 -14.42 14.24
CA THR A 717 -11.29 -13.72 14.28
C THR A 717 -10.60 -13.74 15.65
N GLU A 718 -9.26 -13.69 15.60
CA GLU A 718 -8.42 -13.56 16.78
C GLU A 718 -8.84 -12.38 17.62
N GLU A 719 -9.06 -11.24 16.97
CA GLU A 719 -9.41 -10.00 17.65
C GLU A 719 -10.70 -10.15 18.47
N GLU A 720 -11.73 -10.75 17.88
CA GLU A 720 -13.02 -10.90 18.55
C GLU A 720 -12.97 -11.95 19.64
N ILE A 721 -12.29 -13.06 19.37
CA ILE A 721 -12.11 -14.07 20.38
C ILE A 721 -11.33 -13.53 21.60
N CYS A 722 -10.26 -12.76 21.38
CA CYS A 722 -9.55 -12.12 22.49
C CYS A 722 -10.43 -11.23 23.34
N ARG A 723 -11.24 -10.39 22.69
CA ARG A 723 -12.14 -9.48 23.39
C ARG A 723 -13.22 -10.30 24.08
N SER A 724 -13.81 -11.21 23.34
CA SER A 724 -14.96 -11.97 23.78
C SER A 724 -14.63 -12.90 24.95
N ARG A 725 -13.43 -13.50 24.92
CA ARG A 725 -13.01 -14.49 25.92
C ARG A 725 -12.03 -13.96 26.96
N SER A 726 -11.83 -12.65 26.98
CA SER A 726 -10.87 -11.97 27.88
C SER A 726 -9.47 -12.63 27.89
N ILE A 727 -8.94 -12.96 26.74
CA ILE A 727 -7.61 -13.55 26.72
C ILE A 727 -6.57 -12.58 27.26
N ALA A 728 -5.90 -12.97 28.34
CA ALA A 728 -5.00 -12.08 29.05
C ALA A 728 -3.75 -12.81 29.55
N SER A 729 -3.45 -13.97 28.97
CA SER A 729 -2.29 -14.79 29.40
C SER A 729 -1.63 -15.40 28.15
N LEU A 730 -0.32 -15.60 28.22
CA LEU A 730 0.38 -16.20 27.10
C LEU A 730 -0.19 -17.57 26.75
N ALA A 731 -0.40 -18.42 27.74
CA ALA A 731 -0.95 -19.78 27.50
C ALA A 731 -2.32 -19.77 26.82
N HIS A 732 -3.26 -18.93 27.27
CA HIS A 732 -4.54 -18.75 26.55
C HIS A 732 -4.40 -18.23 25.13
N LEU A 733 -3.46 -17.31 24.89
CA LEU A 733 -3.22 -16.90 23.50
C LEU A 733 -2.72 -18.03 22.64
N GLU A 734 -1.75 -18.79 23.18
CA GLU A 734 -1.24 -19.96 22.47
C GLU A 734 -2.36 -20.91 22.17
N GLU A 735 -3.19 -21.19 23.17
CA GLU A 735 -4.34 -22.05 23.03
C GLU A 735 -5.22 -21.64 21.84
N LEU A 736 -5.44 -20.35 21.67
CA LEU A 736 -6.22 -19.89 20.56
C LEU A 736 -5.52 -20.16 19.22
N TYR A 737 -4.24 -19.84 19.13
CA TYR A 737 -3.43 -20.12 17.94
C TYR A 737 -3.36 -21.62 17.61
N ASN A 738 -3.37 -22.50 18.61
CA ASN A 738 -3.33 -23.94 18.31
C ASN A 738 -4.69 -24.59 18.18
N SER A 739 -5.77 -23.81 18.27
CA SER A 739 -7.09 -24.45 18.39
C SER A 739 -7.64 -24.94 17.05
N HIS A 740 -7.09 -24.47 15.94
CA HIS A 740 -7.55 -24.94 14.64
C HIS A 740 -6.41 -25.15 13.67
N PRO A 741 -6.35 -26.35 13.06
CA PRO A 741 -5.43 -26.72 12.03
C PRO A 741 -5.58 -25.83 10.79
N ILE A 742 -6.73 -25.18 10.66
CA ILE A 742 -6.99 -24.30 9.54
C ILE A 742 -6.86 -22.85 9.95
N VAL A 743 -5.92 -22.15 9.33
CA VAL A 743 -5.69 -20.74 9.61
C VAL A 743 -5.88 -19.94 8.31
N ALA A 744 -6.68 -18.88 8.39
CA ALA A 744 -7.13 -18.16 7.21
C ALA A 744 -6.71 -16.71 7.31
N THR A 745 -5.96 -16.22 6.32
CA THR A 745 -5.58 -14.80 6.22
C THR A 745 -5.35 -14.35 4.76
N THR A 746 -5.08 -13.06 4.55
CA THR A 746 -4.71 -12.52 3.24
C THR A 746 -3.21 -12.69 3.01
N CYS A 747 -2.79 -12.60 1.75
CA CYS A 747 -1.39 -12.74 1.34
C CYS A 747 -0.46 -11.75 1.99
N MET A 748 -0.93 -10.53 2.19
CA MET A 748 -0.18 -9.49 2.86
C MET A 748 -0.10 -9.69 4.40
N GLY A 749 -0.87 -10.62 4.97
CA GLY A 749 -0.89 -10.84 6.43
C GLY A 749 0.21 -11.74 6.98
N ILE A 750 1.26 -11.95 6.21
CA ILE A 750 2.31 -12.93 6.54
C ILE A 750 3.24 -12.52 7.67
N ASN A 751 3.11 -11.29 8.15
CA ASN A 751 3.88 -10.91 9.32
C ASN A 751 3.30 -11.30 10.70
N HIS A 752 2.12 -11.90 10.71
CA HIS A 752 1.53 -12.39 11.96
C HIS A 752 2.49 -13.30 12.70
N PRO A 753 2.61 -13.14 14.03
CA PRO A 753 3.51 -13.95 14.89
C PRO A 753 3.36 -15.46 14.67
N ILE A 754 2.17 -15.90 14.29
CA ILE A 754 1.92 -17.32 14.06
C ILE A 754 2.94 -17.94 13.06
N PHE A 755 3.32 -17.16 12.05
CA PHE A 755 4.22 -17.63 11.01
C PHE A 755 5.69 -17.74 11.45
N SER A 756 5.99 -17.33 12.67
CA SER A 756 7.30 -17.52 13.22
C SER A 756 7.38 -18.80 14.03
N ARG A 757 6.24 -19.45 14.19
CA ARG A 757 6.15 -20.55 15.11
C ARG A 757 5.52 -21.79 14.50
N LYS A 758 4.70 -21.62 13.46
CA LYS A 758 3.94 -22.73 12.86
C LYS A 758 4.29 -22.92 11.39
N THR A 759 4.17 -24.15 10.91
CA THR A 759 4.23 -24.42 9.50
C THR A 759 3.03 -25.24 9.15
N PHE A 760 2.69 -25.32 7.87
CA PHE A 760 1.49 -25.97 7.48
C PHE A 760 1.78 -27.07 6.47
N ASP A 761 0.98 -28.13 6.51
CA ASP A 761 1.08 -29.18 5.50
C ASP A 761 0.87 -28.62 4.09
N PHE A 762 -0.12 -27.72 3.97
CA PHE A 762 -0.58 -27.14 2.73
C PHE A 762 -0.89 -25.65 2.84
N CYS A 763 -0.62 -24.94 1.77
CA CYS A 763 -1.13 -23.60 1.61
C CYS A 763 -2.05 -23.59 0.39
N ILE A 764 -3.20 -22.95 0.53
CA ILE A 764 -4.11 -22.77 -0.61
C ILE A 764 -4.21 -21.28 -0.86
N VAL A 765 -3.98 -20.86 -2.12
CA VAL A 765 -4.07 -19.44 -2.50
C VAL A 765 -5.17 -19.24 -3.52
N ASP A 766 -6.28 -18.65 -3.08
CA ASP A 766 -7.30 -18.29 -4.04
C ASP A 766 -6.87 -17.04 -4.81
N GLU A 767 -7.37 -16.94 -6.03
CA GLU A 767 -7.13 -15.79 -6.93
C GLU A 767 -5.65 -15.65 -7.28
N ALA A 768 -4.93 -16.75 -7.40
CA ALA A 768 -3.47 -16.68 -7.51
C ALA A 768 -3.05 -16.00 -8.80
N SER A 769 -3.93 -16.05 -9.81
CA SER A 769 -3.62 -15.42 -11.09
C SER A 769 -3.84 -13.90 -11.11
N GLN A 770 -4.36 -13.33 -10.04
CA GLN A 770 -4.53 -11.88 -9.95
C GLN A 770 -3.42 -11.24 -9.08
N ILE A 771 -2.65 -12.07 -8.39
CA ILE A 771 -1.70 -11.62 -7.37
C ILE A 771 -0.31 -11.48 -7.97
N SER A 772 0.26 -10.30 -7.78
CA SER A 772 1.67 -10.04 -7.97
C SER A 772 2.52 -11.22 -7.49
N GLN A 773 3.38 -11.71 -8.37
CA GLN A 773 4.15 -12.93 -8.15
C GLN A 773 4.93 -12.92 -6.82
N PRO A 774 5.69 -11.84 -6.51
CA PRO A 774 6.39 -11.84 -5.20
C PRO A 774 5.48 -11.67 -3.97
N VAL A 775 4.30 -11.09 -4.13
CA VAL A 775 3.29 -11.17 -3.07
C VAL A 775 2.76 -12.63 -2.89
N CYS A 776 2.48 -13.31 -3.99
CA CYS A 776 2.03 -14.71 -3.91
C CYS A 776 3.01 -15.69 -3.22
N LEU A 777 4.32 -15.45 -3.35
CA LEU A 777 5.39 -16.16 -2.61
C LEU A 777 5.20 -16.25 -1.07
N GLY A 778 4.72 -15.15 -0.47
CA GLY A 778 4.72 -14.95 0.99
C GLY A 778 4.24 -16.16 1.80
N PRO A 779 2.98 -16.59 1.62
CA PRO A 779 2.52 -17.75 2.38
C PRO A 779 3.27 -19.03 2.10
N LEU A 780 4.00 -19.05 0.99
CA LEU A 780 4.49 -20.33 0.49
C LEU A 780 5.67 -20.74 1.32
N PHE A 781 6.26 -19.78 2.04
CA PHE A 781 7.35 -20.08 2.97
C PHE A 781 6.90 -20.87 4.20
N PHE A 782 5.58 -21.00 4.41
CA PHE A 782 5.14 -21.60 5.66
C PHE A 782 4.48 -22.94 5.49
N SER A 783 4.49 -23.47 4.26
CA SER A 783 3.84 -24.76 4.03
C SER A 783 4.72 -25.68 3.25
N ARG A 784 4.47 -26.97 3.35
CA ARG A 784 5.27 -27.96 2.66
C ARG A 784 4.81 -28.04 1.18
N ARG A 785 3.50 -28.11 0.99
CA ARG A 785 2.92 -28.24 -0.32
C ARG A 785 1.94 -27.11 -0.55
N PHE A 786 1.65 -26.85 -1.82
CA PHE A 786 0.75 -25.74 -2.12
C PHE A 786 -0.15 -25.93 -3.31
N VAL A 787 -1.21 -25.13 -3.32
CA VAL A 787 -2.27 -25.22 -4.29
C VAL A 787 -2.59 -23.78 -4.70
N LEU A 788 -2.47 -23.50 -6.00
CA LEU A 788 -2.84 -22.19 -6.52
C LEU A 788 -4.09 -22.35 -7.36
N VAL A 789 -5.08 -21.49 -7.12
CA VAL A 789 -6.31 -21.50 -7.89
C VAL A 789 -6.36 -20.22 -8.66
N GLY A 790 -6.60 -20.33 -9.97
CA GLY A 790 -6.55 -19.16 -10.85
C GLY A 790 -7.02 -19.44 -12.25
N ASP A 791 -6.95 -18.41 -13.10
CA ASP A 791 -7.31 -18.53 -14.50
C ASP A 791 -6.57 -17.41 -15.22
N HIS A 792 -5.62 -17.78 -16.07
CA HIS A 792 -4.80 -16.79 -16.73
C HIS A 792 -5.55 -16.10 -17.88
N GLN A 793 -6.73 -16.61 -18.23
CA GLN A 793 -7.57 -15.97 -19.24
C GLN A 793 -8.37 -14.82 -18.64
N GLN A 794 -8.33 -14.72 -17.33
CA GLN A 794 -8.98 -13.64 -16.60
C GLN A 794 -7.93 -12.59 -16.21
N LEU A 795 -8.27 -11.65 -15.34
CA LEU A 795 -7.41 -10.50 -15.16
C LEU A 795 -6.10 -10.84 -14.46
N PRO A 796 -4.99 -10.28 -14.97
CA PRO A 796 -3.67 -10.51 -14.39
C PRO A 796 -3.43 -9.51 -13.24
N PRO A 797 -2.31 -9.66 -12.49
CA PRO A 797 -2.03 -8.59 -11.51
C PRO A 797 -1.89 -7.26 -12.23
N LEU A 798 -2.36 -6.20 -11.61
CA LEU A 798 -2.32 -4.93 -12.28
C LEU A 798 -0.94 -4.32 -12.14
N VAL A 799 -0.40 -3.86 -13.26
CA VAL A 799 0.90 -3.24 -13.35
C VAL A 799 0.74 -1.96 -14.18
N VAL A 800 1.05 -0.84 -13.55
CA VAL A 800 0.74 0.46 -14.08
C VAL A 800 1.90 0.98 -14.94
N ASN A 801 3.11 0.55 -14.61
CA ASN A 801 4.32 0.98 -15.30
C ASN A 801 4.57 0.18 -16.58
N ARG A 802 4.70 0.87 -17.69
CA ARG A 802 4.84 0.23 -18.99
C ARG A 802 6.12 -0.59 -19.10
N GLU A 803 7.20 -0.04 -18.58
CA GLU A 803 8.50 -0.67 -18.72
C GLU A 803 8.53 -1.94 -17.88
N ALA A 804 7.93 -1.89 -16.69
CA ALA A 804 7.88 -3.04 -15.79
C ALA A 804 7.02 -4.13 -16.40
N ARG A 805 5.91 -3.71 -16.99
CA ARG A 805 5.02 -4.61 -17.71
C ARG A 805 5.78 -5.25 -18.87
N ALA A 806 6.50 -4.46 -19.65
CA ALA A 806 7.39 -4.97 -20.73
C ALA A 806 8.43 -5.97 -20.23
N LEU A 807 8.85 -5.85 -18.96
CA LEU A 807 9.88 -6.75 -18.43
C LEU A 807 9.32 -8.06 -17.92
N GLY A 808 7.99 -8.18 -17.85
CA GLY A 808 7.39 -9.39 -17.31
C GLY A 808 6.67 -9.33 -15.96
N MET A 809 6.55 -8.14 -15.37
CA MET A 809 5.94 -7.98 -14.04
C MET A 809 4.47 -8.45 -13.85
N SER A 810 3.69 -8.57 -14.92
CA SER A 810 2.32 -9.10 -14.79
C SER A 810 2.22 -10.59 -14.96
N GLU A 811 3.34 -11.29 -15.12
CA GLU A 811 3.28 -12.73 -15.03
C GLU A 811 3.01 -13.12 -13.57
N SER A 812 1.80 -13.58 -13.32
CA SER A 812 1.47 -14.14 -12.02
C SER A 812 2.27 -15.44 -11.73
N LEU A 813 2.38 -15.82 -10.46
CA LEU A 813 2.99 -17.08 -10.10
C LEU A 813 2.20 -18.26 -10.64
N PHE A 814 0.88 -18.15 -10.66
CA PHE A 814 0.03 -19.19 -11.23
C PHE A 814 0.40 -19.42 -12.71
N LYS A 815 0.46 -18.33 -13.49
CA LYS A 815 0.87 -18.38 -14.89
C LYS A 815 2.28 -18.97 -15.07
N ARG A 816 3.24 -18.54 -14.24
CA ARG A 816 4.63 -19.00 -14.40
C ARG A 816 4.65 -20.51 -14.26
N LEU A 817 3.94 -21.02 -13.25
CA LEU A 817 4.01 -22.45 -12.98
C LEU A 817 3.25 -23.32 -13.96
N GLU A 818 2.46 -22.70 -14.81
CA GLU A 818 1.60 -23.44 -15.72
C GLU A 818 2.30 -24.19 -16.85
N ARG A 819 3.56 -23.88 -17.16
CA ARG A 819 4.29 -24.73 -18.11
C ARG A 819 4.39 -26.17 -17.62
N ASN A 820 4.35 -26.38 -16.30
CA ASN A 820 4.30 -27.73 -15.77
C ASN A 820 2.89 -28.26 -15.82
N GLU A 821 2.57 -28.80 -16.98
CA GLU A 821 1.25 -29.29 -17.28
C GLU A 821 0.76 -30.37 -16.32
N SER A 822 1.66 -31.19 -15.77
CA SER A 822 1.26 -32.32 -14.95
C SER A 822 0.62 -31.88 -13.62
N ALA A 823 0.90 -30.65 -13.23
CA ALA A 823 0.33 -30.05 -12.05
C ALA A 823 -1.04 -29.42 -12.27
N VAL A 824 -1.49 -29.28 -13.52
CA VAL A 824 -2.64 -28.46 -13.87
C VAL A 824 -3.96 -29.27 -13.89
N VAL A 825 -4.99 -28.83 -13.17
CA VAL A 825 -6.34 -29.44 -13.32
C VAL A 825 -7.32 -28.35 -13.68
N GLN A 826 -8.05 -28.56 -14.77
CA GLN A 826 -8.96 -27.57 -15.27
C GLN A 826 -10.40 -27.83 -14.80
N LEU A 827 -11.01 -26.84 -14.15
CA LEU A 827 -12.44 -26.96 -13.81
C LEU A 827 -13.20 -26.42 -14.99
N THR A 828 -14.08 -27.26 -15.54
CA THR A 828 -14.76 -26.93 -16.79
C THR A 828 -16.29 -26.95 -16.70
N VAL A 829 -16.86 -27.55 -15.67
CA VAL A 829 -18.31 -27.56 -15.53
C VAL A 829 -18.74 -26.25 -14.86
N GLN A 830 -19.50 -25.42 -15.58
CA GLN A 830 -19.92 -24.10 -15.06
C GLN A 830 -21.43 -23.99 -14.81
N TYR A 831 -21.79 -23.22 -13.78
CA TYR A 831 -23.16 -23.15 -13.33
C TYR A 831 -23.72 -21.73 -13.41
N ARG A 832 -23.10 -20.88 -14.23
CA ARG A 832 -23.51 -19.49 -14.33
C ARG A 832 -24.27 -19.18 -15.64
N MET A 833 -23.65 -19.46 -16.78
CA MET A 833 -24.09 -18.95 -18.06
C MET A 833 -24.94 -19.97 -18.76
N ASN A 834 -25.99 -19.50 -19.43
CA ASN A 834 -26.80 -20.33 -20.33
C ASN A 834 -26.01 -20.63 -21.61
N ARG A 835 -26.48 -21.65 -22.36
CA ARG A 835 -25.74 -22.23 -23.49
C ARG A 835 -25.27 -21.20 -24.50
N LYS A 836 -26.09 -20.18 -24.73
CA LYS A 836 -25.79 -19.15 -25.72
C LYS A 836 -24.74 -18.19 -25.21
N ILE A 837 -24.89 -17.75 -23.96
CA ILE A 837 -23.87 -16.92 -23.37
C ILE A 837 -22.54 -17.68 -23.20
N MET A 838 -22.61 -18.93 -22.77
CA MET A 838 -21.39 -19.73 -22.57
C MET A 838 -20.70 -19.95 -23.90
N SER A 839 -21.52 -20.27 -24.91
CA SER A 839 -21.08 -20.48 -26.29
C SER A 839 -20.15 -19.37 -26.80
N LEU A 840 -20.45 -18.13 -26.44
CA LEU A 840 -19.67 -16.98 -26.83
C LEU A 840 -18.20 -17.07 -26.37
N SER A 841 -17.98 -17.22 -25.06
CA SER A 841 -16.62 -17.35 -24.50
C SER A 841 -15.95 -18.67 -24.83
N ASN A 842 -16.76 -19.71 -25.02
CA ASN A 842 -16.23 -20.95 -25.55
C ASN A 842 -15.60 -20.78 -26.92
N LYS A 843 -16.08 -19.81 -27.69
CA LYS A 843 -15.57 -19.56 -29.04
C LYS A 843 -14.43 -18.57 -29.02
N LEU A 844 -14.57 -17.55 -28.19
CA LEU A 844 -13.59 -16.52 -28.09
C LEU A 844 -12.32 -16.93 -27.32
N THR A 845 -12.50 -17.65 -26.21
CA THR A 845 -11.46 -17.73 -25.19
C THR A 845 -11.13 -19.16 -24.76
N TYR A 846 -12.15 -19.97 -24.45
CA TYR A 846 -11.91 -21.25 -23.79
C TYR A 846 -11.83 -22.49 -24.67
N ALA A 847 -11.67 -22.28 -25.99
CA ALA A 847 -11.49 -23.38 -26.98
C ALA A 847 -12.52 -24.52 -26.83
N GLY A 848 -13.76 -24.17 -26.53
CA GLY A 848 -14.85 -25.11 -26.41
C GLY A 848 -14.92 -25.94 -25.13
N LYS A 849 -14.01 -25.68 -24.18
CA LYS A 849 -13.90 -26.53 -22.96
C LYS A 849 -15.03 -26.39 -21.91
N LEU A 850 -15.75 -25.28 -21.90
CA LEU A 850 -16.84 -25.09 -20.94
C LEU A 850 -18.07 -25.91 -21.27
N GLU A 851 -18.70 -26.46 -20.22
CA GLU A 851 -19.97 -27.16 -20.29
C GLU A 851 -20.86 -26.61 -19.20
N CYS A 852 -22.14 -26.49 -19.51
CA CYS A 852 -23.18 -26.19 -18.54
C CYS A 852 -23.30 -27.36 -17.61
N GLY A 853 -23.54 -27.05 -16.34
CA GLY A 853 -23.62 -28.05 -15.31
C GLY A 853 -24.92 -28.80 -15.29
N SER A 854 -25.95 -28.27 -15.93
CA SER A 854 -27.27 -28.91 -16.00
C SER A 854 -28.10 -28.28 -17.10
N ASP A 855 -29.17 -28.97 -17.48
CA ASP A 855 -30.18 -28.44 -18.37
C ASP A 855 -30.74 -27.12 -17.84
N ARG A 856 -30.99 -27.06 -16.53
CA ARG A 856 -31.56 -25.86 -15.89
C ARG A 856 -30.69 -24.63 -16.15
N VAL A 857 -29.38 -24.77 -15.92
CA VAL A 857 -28.41 -23.71 -16.23
C VAL A 857 -28.35 -23.38 -17.73
N ALA A 858 -28.35 -24.41 -18.56
CA ALA A 858 -28.25 -24.25 -20.00
C ALA A 858 -29.46 -23.50 -20.61
N ASN A 859 -30.64 -23.76 -20.07
CA ASN A 859 -31.88 -23.29 -20.68
C ASN A 859 -32.45 -22.08 -20.02
N ALA A 860 -31.74 -21.55 -19.03
CA ALA A 860 -32.23 -20.40 -18.27
C ALA A 860 -32.21 -19.13 -19.10
N VAL A 861 -33.26 -18.34 -18.95
CA VAL A 861 -33.43 -17.06 -19.64
C VAL A 861 -33.83 -16.00 -18.60
N LEU A 862 -33.71 -14.72 -18.96
CA LEU A 862 -34.05 -13.67 -18.02
C LEU A 862 -35.54 -13.74 -17.69
N ALA A 863 -35.86 -13.79 -16.38
CA ALA A 863 -37.24 -13.77 -15.90
C ALA A 863 -37.79 -12.34 -15.98
N LEU A 864 -38.81 -12.16 -16.82
CA LEU A 864 -39.44 -10.85 -17.00
C LEU A 864 -40.97 -10.97 -16.84
N PRO A 865 -41.44 -11.08 -15.57
CA PRO A 865 -42.87 -11.31 -15.27
C PRO A 865 -43.81 -10.19 -15.78
N ASN A 866 -43.30 -8.98 -15.85
CA ASN A 866 -44.08 -7.80 -16.19
C ASN A 866 -43.72 -7.24 -17.57
N LEU A 867 -43.29 -8.11 -18.48
CA LEU A 867 -42.85 -7.71 -19.84
C LEU A 867 -43.99 -7.08 -20.68
N LYS A 868 -45.14 -7.76 -20.76
CA LYS A 868 -46.28 -7.32 -21.58
C LYS A 868 -46.64 -5.85 -21.28
N ASP A 869 -46.66 -5.54 -19.99
CA ASP A 869 -47.07 -4.25 -19.44
C ASP A 869 -46.00 -3.17 -19.68
N ALA A 870 -44.74 -3.52 -19.40
CA ALA A 870 -43.60 -2.64 -19.65
C ALA A 870 -43.49 -2.28 -21.12
N ARG A 871 -43.62 -3.30 -21.98
CA ARG A 871 -43.68 -3.13 -23.44
C ARG A 871 -44.76 -2.13 -23.86
N LEU A 872 -45.96 -2.29 -23.30
CA LEU A 872 -47.07 -1.39 -23.58
C LEU A 872 -46.79 0.04 -23.11
N SER A 873 -46.19 0.18 -21.93
CA SER A 873 -45.92 1.51 -21.35
C SER A 873 -45.04 2.38 -22.27
N LEU A 874 -44.12 1.73 -22.99
CA LEU A 874 -43.24 2.39 -23.98
C LEU A 874 -43.96 3.11 -25.11
N GLN A 875 -45.14 2.59 -25.48
CA GLN A 875 -45.92 3.11 -26.62
C GLN A 875 -46.37 4.55 -26.43
N LEU A 876 -46.37 4.99 -25.17
CA LEU A 876 -46.66 6.37 -24.79
C LEU A 876 -45.60 7.34 -25.32
N TYR A 877 -44.38 6.84 -25.48
CA TYR A 877 -43.23 7.66 -25.84
C TYR A 877 -42.94 7.64 -27.33
N ALA A 878 -43.09 6.46 -27.94
CA ALA A 878 -42.84 6.25 -29.38
C ALA A 878 -43.45 4.93 -29.84
N ASP A 879 -43.56 4.79 -31.17
CA ASP A 879 -44.03 3.57 -31.80
C ASP A 879 -42.90 2.52 -31.88
N TYR A 880 -42.88 1.63 -30.89
CA TYR A 880 -41.94 0.49 -30.82
C TYR A 880 -42.53 -0.80 -31.38
N SER A 881 -43.81 -0.71 -31.79
CA SER A 881 -44.48 -1.73 -32.61
C SER A 881 -43.64 -1.93 -33.87
N ASP A 882 -43.18 -3.17 -34.08
CA ASP A 882 -42.20 -3.55 -35.13
C ASP A 882 -40.85 -2.80 -35.10
N SER A 883 -40.19 -2.83 -33.96
CA SER A 883 -38.85 -2.25 -33.82
C SER A 883 -37.82 -3.38 -33.74
N PRO A 884 -36.99 -3.52 -34.81
CA PRO A 884 -35.96 -4.57 -34.86
C PRO A 884 -35.16 -4.69 -33.57
N TRP A 885 -34.66 -3.56 -33.06
CA TRP A 885 -33.70 -3.56 -31.98
C TRP A 885 -34.30 -3.77 -30.58
N LEU A 886 -35.44 -3.15 -30.33
CA LEU A 886 -36.02 -3.16 -29.00
C LEU A 886 -36.58 -4.54 -28.60
N ALA A 887 -37.27 -5.17 -29.55
CA ALA A 887 -37.78 -6.53 -29.39
C ALA A 887 -36.62 -7.48 -29.18
N GLY A 888 -35.62 -7.40 -30.05
CA GLY A 888 -34.37 -8.14 -29.91
C GLY A 888 -33.73 -7.98 -28.54
N VAL A 889 -33.67 -6.75 -28.05
CA VAL A 889 -33.08 -6.46 -26.73
C VAL A 889 -33.89 -7.08 -25.59
N LEU A 890 -35.21 -6.94 -25.64
CA LEU A 890 -36.04 -7.39 -24.52
C LEU A 890 -36.31 -8.87 -24.48
N GLU A 891 -36.38 -9.50 -25.65
CA GLU A 891 -36.59 -10.94 -25.80
C GLU A 891 -35.63 -11.84 -24.94
N PRO A 892 -36.19 -12.55 -23.92
CA PRO A 892 -35.38 -13.46 -23.12
C PRO A 892 -34.73 -14.56 -23.93
N ASP A 893 -35.44 -15.03 -24.97
CA ASP A 893 -34.90 -16.05 -25.89
C ASP A 893 -33.79 -15.53 -26.79
N ASN A 894 -33.43 -14.26 -26.62
CA ASN A 894 -32.26 -13.60 -27.24
C ASN A 894 -31.18 -13.18 -26.19
N PRO A 895 -30.51 -14.18 -25.55
CA PRO A 895 -29.64 -13.91 -24.41
C PRO A 895 -28.44 -13.01 -24.73
N VAL A 896 -27.89 -13.14 -25.94
CA VAL A 896 -26.77 -12.31 -26.39
C VAL A 896 -27.22 -11.33 -27.46
N CYS A 897 -26.88 -10.06 -27.24
CA CYS A 897 -27.28 -9.01 -28.16
C CYS A 897 -26.26 -7.89 -28.23
N PHE A 898 -25.87 -7.50 -29.44
CA PHE A 898 -24.99 -6.34 -29.61
C PHE A 898 -25.71 -5.21 -30.30
N LEU A 899 -25.75 -4.07 -29.64
CA LEU A 899 -26.33 -2.84 -30.17
C LEU A 899 -25.29 -1.92 -30.80
N ASN A 900 -25.19 -1.99 -32.12
CA ASN A 900 -24.32 -1.12 -32.89
C ASN A 900 -24.82 0.32 -32.95
N THR A 901 -23.94 1.23 -32.57
CA THR A 901 -24.28 2.64 -32.48
C THR A 901 -23.76 3.43 -33.65
N ASP A 902 -23.34 2.79 -34.74
CA ASP A 902 -22.80 3.53 -35.88
C ASP A 902 -23.80 4.54 -36.48
N LYS A 903 -25.04 4.11 -36.73
CA LYS A 903 -26.08 5.01 -37.33
C LYS A 903 -26.61 6.10 -36.40
N VAL A 904 -26.71 5.81 -35.10
CA VAL A 904 -26.93 6.87 -34.11
C VAL A 904 -25.58 7.54 -33.89
N PRO A 905 -25.47 8.84 -34.23
CA PRO A 905 -24.19 9.43 -33.83
C PRO A 905 -24.04 9.22 -32.29
N ALA A 906 -23.01 8.46 -31.89
CA ALA A 906 -22.74 8.21 -30.48
C ALA A 906 -21.24 8.38 -30.15
N PRO A 907 -20.71 9.63 -30.26
CA PRO A 907 -19.26 9.80 -30.16
C PRO A 907 -18.76 9.78 -28.71
N GLU A 908 -17.46 9.57 -28.55
CA GLU A 908 -16.84 9.59 -27.23
C GLU A 908 -16.48 11.01 -26.80
N GLN A 909 -16.41 11.22 -25.48
CA GLN A 909 -15.86 12.46 -24.90
C GLN A 909 -14.58 12.14 -24.11
N VAL A 910 -13.51 12.82 -24.47
CA VAL A 910 -12.20 12.58 -23.86
C VAL A 910 -11.84 13.80 -23.04
N GLU A 911 -11.73 13.62 -21.73
CA GLU A 911 -11.19 14.64 -20.83
C GLU A 911 -10.24 13.99 -19.81
N ASN A 912 -9.10 14.65 -19.59
CA ASN A 912 -8.09 14.29 -18.55
C ASN A 912 -7.48 12.87 -18.59
N GLY A 913 -7.37 12.28 -19.78
CA GLY A 913 -6.83 10.91 -19.94
C GLY A 913 -7.85 9.80 -19.72
N GLY A 914 -9.09 10.18 -19.41
CA GLY A 914 -10.23 9.25 -19.34
C GLY A 914 -11.21 9.47 -20.47
N VAL A 915 -12.09 8.51 -20.69
CA VAL A 915 -13.00 8.53 -21.84
C VAL A 915 -14.44 8.26 -21.38
N SER A 916 -15.38 9.02 -21.95
CA SER A 916 -16.84 8.90 -21.67
C SER A 916 -17.62 8.86 -22.98
N ASN A 917 -18.88 8.46 -22.88
CA ASN A 917 -19.82 8.55 -23.98
C ASN A 917 -21.21 8.83 -23.43
N VAL A 918 -21.65 10.09 -23.55
CA VAL A 918 -22.96 10.53 -23.04
C VAL A 918 -24.11 9.78 -23.71
N THR A 919 -24.02 9.64 -25.03
CA THR A 919 -25.03 8.98 -25.84
C THR A 919 -25.22 7.52 -25.42
N GLU A 920 -24.11 6.80 -25.25
CA GLU A 920 -24.12 5.41 -24.78
C GLU A 920 -24.72 5.31 -23.38
N ALA A 921 -24.38 6.28 -22.53
CA ALA A 921 -24.85 6.33 -21.17
C ALA A 921 -26.37 6.48 -21.12
N ARG A 922 -26.90 7.42 -21.91
CA ARG A 922 -28.35 7.64 -21.97
C ARG A 922 -29.07 6.37 -22.40
N LEU A 923 -28.47 5.68 -23.36
CA LEU A 923 -28.98 4.39 -23.85
C LEU A 923 -29.08 3.31 -22.76
N ILE A 924 -28.01 3.09 -21.99
CA ILE A 924 -28.08 2.03 -20.94
C ILE A 924 -29.03 2.38 -19.80
N VAL A 925 -29.08 3.66 -19.40
CA VAL A 925 -30.03 4.13 -18.39
C VAL A 925 -31.48 3.84 -18.82
N PHE A 926 -31.79 4.06 -20.10
CA PHE A 926 -33.10 3.74 -20.65
C PHE A 926 -33.36 2.24 -20.56
N LEU A 927 -32.41 1.45 -21.08
CA LEU A 927 -32.48 -0.01 -21.04
C LEU A 927 -32.67 -0.57 -19.62
N THR A 928 -31.96 0.03 -18.64
CA THR A 928 -32.06 -0.41 -17.25
C THR A 928 -33.45 -0.14 -16.69
N SER A 929 -34.05 0.99 -17.03
CA SER A 929 -35.41 1.33 -16.56
C SER A 929 -36.42 0.33 -17.09
N THR A 930 -36.31 0.06 -18.38
CA THR A 930 -37.22 -0.82 -19.10
C THR A 930 -37.19 -2.24 -18.49
N PHE A 931 -35.98 -2.71 -18.17
CA PHE A 931 -35.81 -4.02 -17.58
C PHE A 931 -36.37 -4.11 -16.16
N ILE A 932 -36.21 -3.03 -15.40
CA ILE A 932 -36.77 -2.98 -14.05
C ILE A 932 -38.30 -3.00 -14.15
N LYS A 933 -38.86 -2.16 -15.01
CA LYS A 933 -40.30 -2.17 -15.27
C LYS A 933 -40.82 -3.52 -15.78
N ALA A 934 -39.97 -4.27 -16.50
CA ALA A 934 -40.38 -5.56 -17.04
C ALA A 934 -40.38 -6.68 -15.99
N GLY A 935 -39.88 -6.35 -14.81
CA GLY A 935 -39.80 -7.29 -13.70
C GLY A 935 -38.41 -7.87 -13.37
N CYS A 936 -37.35 -7.19 -13.78
CA CYS A 936 -36.01 -7.61 -13.33
C CYS A 936 -35.61 -6.86 -12.05
N SER A 937 -35.26 -7.60 -11.00
CA SER A 937 -34.83 -6.96 -9.76
C SER A 937 -33.57 -6.14 -10.02
N PRO A 938 -33.51 -4.89 -9.51
CA PRO A 938 -32.33 -4.05 -9.73
C PRO A 938 -31.02 -4.69 -9.25
N SER A 939 -31.11 -5.49 -8.18
CA SER A 939 -29.99 -6.23 -7.63
C SER A 939 -29.50 -7.38 -8.54
N ASP A 940 -30.34 -7.76 -9.50
CA ASP A 940 -29.97 -8.74 -10.54
C ASP A 940 -29.35 -8.12 -11.80
N ILE A 941 -29.08 -6.81 -11.75
CA ILE A 941 -28.51 -6.10 -12.91
C ILE A 941 -27.17 -5.45 -12.62
N GLY A 942 -26.23 -5.66 -13.53
CA GLY A 942 -24.91 -5.03 -13.47
C GLY A 942 -24.59 -4.29 -14.75
N VAL A 943 -24.10 -3.06 -14.60
CA VAL A 943 -23.57 -2.31 -15.73
C VAL A 943 -22.06 -2.32 -15.65
N ILE A 944 -21.43 -2.72 -16.75
CA ILE A 944 -19.99 -2.65 -16.91
C ILE A 944 -19.59 -1.60 -17.97
N ALA A 945 -18.47 -0.93 -17.74
CA ALA A 945 -17.81 -0.14 -18.78
C ALA A 945 -16.29 -0.23 -18.56
N PRO A 946 -15.51 -0.17 -19.64
CA PRO A 946 -14.06 -0.25 -19.54
C PRO A 946 -13.42 0.93 -18.84
N TYR A 947 -13.95 2.13 -19.05
CA TYR A 947 -13.33 3.35 -18.56
C TYR A 947 -13.98 3.80 -17.25
N ARG A 948 -13.15 4.14 -16.24
CA ARG A 948 -13.61 4.62 -14.92
C ARG A 948 -14.49 5.87 -15.05
N GLN A 949 -14.06 6.81 -15.90
CA GLN A 949 -14.79 8.05 -16.17
C GLN A 949 -16.24 7.85 -16.67
N GLN A 950 -16.45 6.85 -17.51
CA GLN A 950 -17.80 6.56 -18.01
C GLN A 950 -18.77 6.21 -16.88
N LEU A 951 -18.29 5.47 -15.88
CA LEU A 951 -19.15 5.00 -14.80
C LEU A 951 -19.80 6.12 -14.02
N ARG A 952 -19.06 7.21 -13.83
CA ARG A 952 -19.53 8.40 -13.12
C ARG A 952 -20.78 8.95 -13.81
N ILE A 953 -20.68 9.04 -15.14
CA ILE A 953 -21.75 9.49 -16.03
C ILE A 953 -22.98 8.58 -15.92
N ILE A 954 -22.75 7.26 -15.98
CA ILE A 954 -23.84 6.30 -15.88
C ILE A 954 -24.50 6.37 -14.51
N SER A 955 -23.69 6.43 -13.45
CA SER A 955 -24.20 6.55 -12.07
C SER A 955 -25.09 7.76 -11.85
N ASP A 956 -24.69 8.91 -12.39
CA ASP A 956 -25.44 10.14 -12.23
C ASP A 956 -26.81 10.12 -12.90
N LEU A 957 -26.85 9.59 -14.12
CA LEU A 957 -28.05 9.59 -14.90
C LEU A 957 -29.07 8.61 -14.34
N LEU A 958 -28.58 7.53 -13.73
CA LEU A 958 -29.41 6.57 -13.00
C LEU A 958 -29.98 7.14 -11.70
N ALA A 959 -29.18 7.94 -10.99
CA ALA A 959 -29.68 8.68 -9.82
C ALA A 959 -30.86 9.57 -10.25
N ARG A 960 -30.67 10.30 -11.37
CA ARG A 960 -31.67 11.22 -11.95
C ARG A 960 -32.99 10.56 -12.36
N SER A 961 -32.95 9.26 -12.66
CA SER A 961 -34.11 8.49 -13.07
C SER A 961 -34.63 7.56 -11.96
N SER A 962 -34.27 7.85 -10.71
CA SER A 962 -34.78 7.18 -9.48
C SER A 962 -34.50 5.68 -9.41
N VAL A 963 -33.32 5.31 -9.91
CA VAL A 963 -32.97 3.93 -10.18
C VAL A 963 -31.46 3.69 -9.85
N GLY A 964 -30.99 4.33 -8.78
CA GLY A 964 -29.57 4.35 -8.40
C GLY A 964 -28.93 3.03 -7.99
N MET A 965 -29.75 2.09 -7.52
CA MET A 965 -29.30 0.82 -6.90
C MET A 965 -28.80 -0.30 -7.85
N VAL A 966 -28.67 -0.01 -9.14
CA VAL A 966 -28.04 -1.01 -9.98
C VAL A 966 -26.50 -0.81 -9.91
N GLU A 967 -25.78 -1.91 -9.92
CA GLU A 967 -24.34 -1.84 -9.80
C GLU A 967 -23.72 -1.33 -11.09
N VAL A 968 -22.90 -0.29 -10.95
CA VAL A 968 -22.16 0.27 -12.04
C VAL A 968 -20.67 0.17 -11.71
N ASN A 969 -19.94 -0.62 -12.50
CA ASN A 969 -18.53 -0.85 -12.22
C ASN A 969 -17.65 -1.25 -13.39
N THR A 970 -16.34 -1.12 -13.21
CA THR A 970 -15.37 -1.62 -14.19
C THR A 970 -15.35 -3.14 -14.11
N VAL A 971 -14.78 -3.73 -15.15
CA VAL A 971 -14.52 -5.16 -15.20
C VAL A 971 -13.86 -5.69 -13.92
N ASP A 972 -12.79 -5.04 -13.49
CA ASP A 972 -12.04 -5.43 -12.28
C ASP A 972 -12.85 -5.58 -11.01
N LYS A 973 -13.92 -4.81 -10.88
CA LYS A 973 -14.70 -4.87 -9.67
C LYS A 973 -15.75 -5.98 -9.71
N TYR A 974 -15.82 -6.66 -10.86
CA TYR A 974 -16.73 -7.79 -11.03
C TYR A 974 -16.05 -9.15 -11.01
N GLN A 975 -14.72 -9.17 -10.95
CA GLN A 975 -13.95 -10.41 -10.77
C GLN A 975 -14.66 -11.43 -9.88
N GLY A 976 -14.90 -12.62 -10.43
CA GLY A 976 -15.50 -13.74 -9.69
C GLY A 976 -16.98 -13.61 -9.35
N ARG A 977 -17.61 -12.52 -9.80
CA ARG A 977 -19.04 -12.27 -9.54
C ARG A 977 -19.88 -12.34 -10.82
N ASP A 978 -21.18 -12.49 -10.64
CA ASP A 978 -22.12 -12.50 -11.75
C ASP A 978 -23.40 -11.73 -11.45
N LYS A 979 -24.20 -11.52 -12.48
CA LYS A 979 -25.56 -10.98 -12.41
C LYS A 979 -26.40 -11.67 -13.46
N SER A 980 -27.71 -11.66 -13.27
CA SER A 980 -28.66 -12.16 -14.27
C SER A 980 -28.55 -11.45 -15.60
N LEU A 981 -28.49 -10.12 -15.52
CA LEU A 981 -28.38 -9.28 -16.68
C LEU A 981 -27.16 -8.40 -16.56
N ILE A 982 -26.41 -8.34 -17.65
CA ILE A 982 -25.28 -7.45 -17.75
C ILE A 982 -25.45 -6.57 -18.97
N LEU A 983 -25.21 -5.28 -18.76
CA LEU A 983 -25.17 -4.29 -19.84
C LEU A 983 -23.75 -3.67 -19.91
N VAL A 984 -23.13 -3.72 -21.09
CA VAL A 984 -21.79 -3.16 -21.30
C VAL A 984 -21.78 -1.94 -22.25
N SER A 985 -21.34 -0.81 -21.73
CA SER A 985 -21.04 0.35 -22.55
C SER A 985 -19.55 0.35 -22.94
N PHE A 986 -19.25 -0.07 -24.16
CA PHE A 986 -17.89 -0.06 -24.72
C PHE A 986 -17.68 1.33 -25.24
N VAL A 987 -17.01 2.15 -24.47
CA VAL A 987 -17.16 3.60 -24.62
C VAL A 987 -16.64 4.12 -25.97
N ARG A 988 -15.56 3.51 -26.46
CA ARG A 988 -14.76 4.03 -27.57
C ARG A 988 -15.57 4.17 -28.86
N SER A 989 -15.60 5.38 -29.38
CA SER A 989 -16.28 5.68 -30.63
C SER A 989 -15.76 7.00 -31.15
N ASN A 990 -14.93 6.94 -32.20
CA ASN A 990 -14.32 8.15 -32.75
C ASN A 990 -14.02 8.04 -34.23
N GLU A 991 -13.93 9.20 -34.88
CA GLU A 991 -13.60 9.26 -36.30
C GLU A 991 -12.10 9.11 -36.52
N ASP A 992 -11.31 9.93 -35.81
CA ASP A 992 -9.83 10.02 -35.99
C ASP A 992 -9.04 8.73 -35.72
N GLY A 993 -9.66 7.79 -35.03
CA GLY A 993 -9.08 6.48 -34.86
C GLY A 993 -8.22 6.28 -33.64
N THR A 994 -8.36 7.17 -32.64
CA THR A 994 -7.60 6.98 -31.40
C THR A 994 -8.12 5.77 -30.60
N LEU A 995 -7.27 4.76 -30.54
CA LEU A 995 -7.53 3.52 -29.81
C LEU A 995 -6.87 3.65 -28.46
N GLY A 996 -7.46 3.07 -27.42
CA GLY A 996 -6.70 2.96 -26.17
C GLY A 996 -5.65 1.86 -26.20
N GLU A 997 -5.16 1.47 -25.04
CA GLU A 997 -4.54 0.18 -24.88
C GLU A 997 -5.49 -0.77 -24.15
N LEU A 998 -6.50 -0.20 -23.52
CA LEU A 998 -7.36 -0.93 -22.60
C LEU A 998 -8.22 -1.96 -23.33
N LEU A 999 -8.77 -1.58 -24.48
CA LEU A 999 -9.61 -2.49 -25.25
C LEU A 999 -8.82 -3.50 -26.06
N LYS A 1000 -7.51 -3.38 -26.06
CA LYS A 1000 -6.64 -4.37 -26.70
C LYS A 1000 -6.52 -5.65 -25.90
N ASP A 1001 -6.96 -5.62 -24.63
CA ASP A 1001 -6.74 -6.73 -23.70
C ASP A 1001 -7.82 -7.81 -23.82
N TRP A 1002 -7.42 -8.98 -24.32
CA TRP A 1002 -8.32 -10.13 -24.42
C TRP A 1002 -8.96 -10.54 -23.09
N ARG A 1003 -8.22 -10.39 -21.98
CA ARG A 1003 -8.70 -10.86 -20.65
C ARG A 1003 -9.81 -10.01 -20.09
N ARG A 1004 -9.65 -8.71 -20.28
CA ARG A 1004 -10.64 -7.73 -19.91
C ARG A 1004 -11.99 -8.01 -20.56
N LEU A 1005 -11.94 -8.33 -21.85
CA LEU A 1005 -13.15 -8.59 -22.59
C LEU A 1005 -13.75 -9.90 -22.13
N ASN A 1006 -12.88 -10.90 -21.94
CA ASN A 1006 -13.33 -12.19 -21.49
C ASN A 1006 -14.13 -12.06 -20.16
N VAL A 1007 -13.60 -11.27 -19.24
CA VAL A 1007 -14.26 -11.11 -17.95
C VAL A 1007 -15.61 -10.42 -18.13
N ALA A 1008 -15.67 -9.40 -19.01
CA ALA A 1008 -16.94 -8.74 -19.36
C ALA A 1008 -17.95 -9.73 -19.92
N LEU A 1009 -17.50 -10.65 -20.79
CA LEU A 1009 -18.42 -11.56 -21.46
C LEU A 1009 -18.92 -12.72 -20.59
N THR A 1010 -18.41 -12.79 -19.35
CA THR A 1010 -18.63 -13.95 -18.49
C THR A 1010 -19.25 -13.60 -17.17
N ARG A 1011 -19.62 -12.34 -16.99
CA ARG A 1011 -20.34 -11.93 -15.80
C ARG A 1011 -21.86 -12.22 -15.82
N ALA A 1012 -22.41 -12.63 -16.97
CA ALA A 1012 -23.88 -12.67 -17.14
C ALA A 1012 -24.40 -14.09 -17.00
N LYS A 1013 -25.51 -14.24 -16.26
CA LYS A 1013 -26.17 -15.53 -16.16
C LYS A 1013 -27.14 -15.75 -17.32
N HIS A 1014 -28.03 -14.79 -17.52
CA HIS A 1014 -29.21 -14.98 -18.38
C HIS A 1014 -29.27 -14.09 -19.60
N LYS A 1015 -28.95 -12.81 -19.44
CA LYS A 1015 -28.92 -11.90 -20.57
C LYS A 1015 -27.68 -11.02 -20.57
N LEU A 1016 -27.12 -10.83 -21.76
CA LEU A 1016 -25.97 -10.01 -21.97
C LEU A 1016 -26.17 -9.02 -23.13
N ILE A 1017 -26.19 -7.73 -22.78
CA ILE A 1017 -26.40 -6.65 -23.74
C ILE A 1017 -25.10 -5.87 -23.92
N LEU A 1018 -24.68 -5.77 -25.18
CA LEU A 1018 -23.43 -5.09 -25.51
C LEU A 1018 -23.72 -3.89 -26.40
N LEU A 1019 -23.10 -2.76 -26.07
CA LEU A 1019 -23.39 -1.52 -26.76
C LEU A 1019 -22.09 -0.80 -27.10
N GLY A 1020 -21.97 -0.46 -28.39
CA GLY A 1020 -20.96 0.46 -28.88
C GLY A 1020 -20.82 0.52 -30.39
N SER A 1021 -19.80 1.25 -30.84
CA SER A 1021 -19.55 1.51 -32.25
C SER A 1021 -18.78 0.35 -32.86
N VAL A 1022 -19.44 -0.42 -33.72
CA VAL A 1022 -18.79 -1.54 -34.39
C VAL A 1022 -17.53 -1.12 -35.16
N SER A 1023 -17.61 -0.01 -35.89
CA SER A 1023 -16.50 0.43 -36.74
C SER A 1023 -15.29 0.94 -35.93
N SER A 1024 -15.53 1.51 -34.75
CA SER A 1024 -14.44 1.88 -33.86
C SER A 1024 -13.86 0.66 -33.17
N LEU A 1025 -14.74 -0.18 -32.62
CA LEU A 1025 -14.32 -1.32 -31.82
C LEU A 1025 -13.61 -2.45 -32.56
N LYS A 1026 -14.03 -2.73 -33.80
CA LYS A 1026 -13.48 -3.85 -34.60
C LYS A 1026 -11.98 -3.71 -34.87
N ARG A 1027 -11.44 -2.55 -34.51
CA ARG A 1027 -10.04 -2.27 -34.71
C ARG A 1027 -9.21 -2.87 -33.58
N PHE A 1028 -9.88 -3.36 -32.53
CA PHE A 1028 -9.24 -4.08 -31.42
C PHE A 1028 -9.41 -5.58 -31.64
N PRO A 1029 -8.27 -6.32 -31.72
CA PRO A 1029 -8.31 -7.74 -31.98
C PRO A 1029 -9.37 -8.51 -31.19
N PRO A 1030 -9.51 -8.29 -29.83
CA PRO A 1030 -10.58 -9.07 -29.16
C PRO A 1030 -11.99 -8.77 -29.65
N LEU A 1031 -12.26 -7.51 -30.02
CA LEU A 1031 -13.59 -7.12 -30.47
C LEU A 1031 -13.86 -7.59 -31.90
N GLY A 1032 -12.86 -7.40 -32.77
CA GLY A 1032 -12.90 -7.90 -34.15
C GLY A 1032 -13.31 -9.36 -34.18
N THR A 1033 -12.61 -10.16 -33.39
CA THR A 1033 -12.94 -11.57 -33.25
C THR A 1033 -14.36 -11.79 -32.68
N LEU A 1034 -14.74 -11.01 -31.67
CA LEU A 1034 -16.10 -11.05 -31.14
C LEU A 1034 -17.12 -10.80 -32.24
N PHE A 1035 -16.86 -9.79 -33.07
CA PHE A 1035 -17.77 -9.44 -34.14
C PHE A 1035 -17.93 -10.49 -35.21
N ASP A 1036 -16.85 -11.22 -35.49
CA ASP A 1036 -16.93 -12.36 -36.41
C ASP A 1036 -17.90 -13.42 -35.90
N HIS A 1037 -17.85 -13.72 -34.59
CA HIS A 1037 -18.77 -14.70 -34.02
C HIS A 1037 -20.21 -14.21 -33.86
N LEU A 1038 -20.39 -12.93 -33.52
CA LEU A 1038 -21.73 -12.37 -33.36
C LEU A 1038 -22.45 -12.28 -34.68
N ASN A 1039 -21.69 -11.92 -35.72
CA ASN A 1039 -22.18 -11.82 -37.09
C ASN A 1039 -22.60 -13.14 -37.65
N ALA A 1040 -21.75 -14.15 -37.47
CA ALA A 1040 -22.03 -15.49 -37.99
C ALA A 1040 -23.40 -16.01 -37.50
N GLU A 1041 -23.96 -15.40 -36.44
CA GLU A 1041 -25.30 -15.75 -35.96
C GLU A 1041 -26.27 -14.56 -35.89
N GLN A 1042 -25.93 -13.49 -36.62
CA GLN A 1042 -26.74 -12.28 -36.79
C GLN A 1042 -27.13 -11.53 -35.53
N LEU A 1043 -26.28 -11.60 -34.51
CA LEU A 1043 -26.61 -11.05 -33.20
C LEU A 1043 -26.37 -9.55 -33.06
N ILE A 1044 -25.79 -8.92 -34.09
CA ILE A 1044 -25.54 -7.46 -34.06
C ILE A 1044 -26.77 -6.77 -34.61
N LEU A 1045 -27.38 -5.94 -33.78
CA LEU A 1045 -28.51 -5.18 -34.23
C LEU A 1045 -28.16 -3.70 -34.31
N ASP A 1046 -28.40 -3.13 -35.49
CA ASP A 1046 -28.11 -1.73 -35.80
C ASP A 1046 -29.21 -0.82 -35.29
N LEU A 1047 -28.82 0.10 -34.40
CA LEU A 1047 -29.67 1.17 -33.95
C LEU A 1047 -29.90 2.17 -35.10
N PRO A 1048 -31.10 2.80 -35.14
CA PRO A 1048 -31.32 3.77 -36.20
C PRO A 1048 -30.66 5.12 -35.84
N SER A 1049 -30.86 6.13 -36.67
CA SER A 1049 -30.42 7.49 -36.38
C SER A 1049 -31.06 8.02 -35.10
N ARG A 1050 -30.36 8.95 -34.45
CA ARG A 1050 -30.86 9.58 -33.21
C ARG A 1050 -32.16 10.38 -33.42
N GLU A 1051 -32.45 10.75 -34.67
CA GLU A 1051 -33.68 11.47 -35.06
C GLU A 1051 -34.92 10.59 -35.01
N HIS A 1052 -34.74 9.30 -35.29
CA HIS A 1052 -35.81 8.29 -35.37
C HIS A 1052 -36.63 8.25 -34.09
N GLU A 1053 -37.95 8.10 -34.25
CA GLU A 1053 -38.92 8.14 -33.14
C GLU A 1053 -38.54 7.27 -31.95
N SER A 1054 -37.97 6.09 -32.24
CA SER A 1054 -37.57 5.11 -31.22
C SER A 1054 -36.36 5.52 -30.35
N LEU A 1055 -35.73 6.64 -30.67
CA LEU A 1055 -34.56 7.11 -29.90
C LEU A 1055 -34.64 8.55 -29.40
N SER A 1056 -35.42 9.38 -30.11
CA SER A 1056 -35.46 10.82 -29.88
C SER A 1056 -35.88 11.24 -28.47
N HIS A 1057 -36.81 10.50 -27.86
CA HIS A 1057 -37.27 10.80 -26.49
C HIS A 1057 -36.20 10.50 -25.42
N ILE A 1058 -35.28 9.60 -25.76
CA ILE A 1058 -34.13 9.30 -24.92
C ILE A 1058 -32.96 10.28 -25.18
N LEU A 1059 -32.68 10.56 -26.46
CA LEU A 1059 -31.47 11.30 -26.87
C LEU A 1059 -31.65 12.78 -27.22
#